data_5QCJ
#
_entry.id   5QCJ
#
_cell.length_a   65.445
_cell.length_b   65.445
_cell.length_c   295.325
_cell.angle_alpha   90.00
_cell.angle_beta   90.00
_cell.angle_gamma   120.00
#
_symmetry.space_group_name_H-M   'P 32 2 1'
#
loop_
_entity.id
_entity.type
_entity.pdbx_description
1 polymer 'Cathepsin S'
2 non-polymer 5-hydroxy-3-{1-[(2S)-2-hydroxy-3-{5-(methylsulfonyl)-3-[4-(trifluoromethyl)phenyl]-4,5,6,7-tetrahydro-1H-pyrazolo[4,3-c]pyridin-1-yl}propyl]piperidin-4-yl}-1H-pyrrolo[3,2-c]pyridin-5-ium
3 non-polymer 'SULFATE ION'
4 water water
#
_entity_poly.entity_id   1
_entity_poly.type   'polypeptide(L)'
_entity_poly.pdbx_seq_one_letter_code
;ILPDSVDWREKGCVTEVKYQGSCGASWAFSAVGALEAQLKLKTGKLVSLSAQNLVDCSTEKYGNKGCNGGFMTTAFQYII
DNKGIDSDASYPYKAMDQKCQYDSKYRAATCSKYTELPYGREDVLKEAVANKGPVSVGVDARHPSFFLYRSGVYYEPSCT
QNVNHGVLVVGYGDLNGKEYWLVKNSWGHNFGEEGYIRMARNKGNHCGIASFPSYPEILQGGG
;
_entity_poly.pdbx_strand_id   A,B,C
#
loop_
_chem_comp.id
_chem_comp.type
_chem_comp.name
_chem_comp.formula
BJY non-polymer 5-hydroxy-3-{1-[(2S)-2-hydroxy-3-{5-(methylsulfonyl)-3-[4-(trifluoromethyl)phenyl]-4,5,6,7-tetrahydro-1H-pyrazolo[4,3-c]pyridin-1-yl}propyl]piperidin-4-yl}-1H-pyrrolo[3,2-c]pyridin-5-ium 'C29 H34 F3 N6 O4 S 1'
SO4 non-polymer 'SULFATE ION' 'O4 S -2'
#
# COMPACT_ATOMS: atom_id res chain seq x y z
N ILE A 1 16.48 -29.94 54.32
CA ILE A 1 15.97 -28.87 55.24
C ILE A 1 15.47 -27.70 54.38
N LEU A 2 14.16 -27.46 54.39
CA LEU A 2 13.53 -26.43 53.55
C LEU A 2 13.55 -25.08 54.26
N PRO A 3 13.75 -23.98 53.51
CA PRO A 3 13.62 -22.68 54.16
C PRO A 3 12.19 -22.43 54.65
N ASP A 4 12.07 -21.64 55.70
CA ASP A 4 10.76 -21.22 56.23
C ASP A 4 10.05 -20.27 55.31
N SER A 5 10.80 -19.50 54.53
CA SER A 5 10.25 -18.53 53.58
C SER A 5 11.05 -18.56 52.30
N VAL A 6 10.38 -18.34 51.16
CA VAL A 6 11.06 -18.18 49.88
C VAL A 6 10.32 -17.15 49.06
N ASP A 7 11.07 -16.39 48.28
CA ASP A 7 10.48 -15.41 47.35
C ASP A 7 11.38 -15.35 46.14
N TRP A 8 10.91 -15.95 45.05
CA TRP A 8 11.70 -16.03 43.81
C TRP A 8 11.91 -14.67 43.15
N ARG A 9 11.19 -13.62 43.55
CA ARG A 9 11.51 -12.26 43.05
C ARG A 9 12.92 -11.85 43.49
N GLU A 10 13.31 -12.24 44.70
CA GLU A 10 14.68 -11.98 45.20
C GLU A 10 15.79 -12.67 44.44
N LYS A 11 15.48 -13.80 43.84
CA LYS A 11 16.44 -14.55 43.01
C LYS A 11 16.42 -14.14 41.54
N GLY A 12 15.70 -13.06 41.21
CA GLY A 12 15.71 -12.52 39.87
C GLY A 12 14.99 -13.39 38.84
N CYS A 13 14.05 -14.22 39.28
CA CYS A 13 13.39 -15.22 38.43
C CYS A 13 11.94 -14.88 38.06
N VAL A 14 11.48 -13.69 38.41
CA VAL A 14 10.08 -13.34 38.16
C VAL A 14 9.97 -12.04 37.35
N THR A 15 9.33 -12.14 36.20
CA THR A 15 9.10 -10.99 35.33
C THR A 15 7.97 -10.11 35.85
N GLU A 16 7.81 -8.97 35.21
CA GLU A 16 6.73 -8.03 35.51
C GLU A 16 5.36 -8.70 35.44
N VAL A 17 4.45 -8.22 36.30
CA VAL A 17 3.06 -8.69 36.31
C VAL A 17 2.40 -8.27 35.00
N LYS A 18 1.70 -9.21 34.37
CA LYS A 18 1.04 -8.94 33.11
C LYS A 18 -0.46 -8.70 33.36
N TYR A 19 -1.13 -8.17 32.33
CA TYR A 19 -2.56 -7.88 32.37
C TYR A 19 -3.22 -8.68 31.25
N GLN A 20 -3.96 -9.73 31.62
CA GLN A 20 -4.57 -10.60 30.60
C GLN A 20 -5.77 -9.95 29.89
N GLY A 21 -6.34 -8.92 30.49
CA GLY A 21 -7.53 -8.25 29.93
C GLY A 21 -8.74 -9.17 29.93
N SER A 22 -9.60 -9.00 28.94
CA SER A 22 -10.85 -9.77 28.81
C SER A 22 -10.65 -11.15 28.20
N CYS A 23 -9.41 -11.51 27.85
CA CYS A 23 -9.10 -12.83 27.29
C CYS A 23 -8.80 -13.80 28.42
N GLY A 24 -9.51 -14.93 28.44
CA GLY A 24 -9.38 -15.93 29.50
C GLY A 24 -8.18 -16.83 29.30
N ALA A 25 -6.98 -16.25 29.31
CA ALA A 25 -5.74 -16.94 29.01
C ALA A 25 -4.81 -17.06 30.24
N SER A 26 -5.39 -17.12 31.44
CA SER A 26 -4.57 -17.22 32.64
C SER A 26 -3.69 -18.47 32.61
N TRP A 27 -4.20 -19.56 32.00
CA TRP A 27 -3.41 -20.78 31.78
C TRP A 27 -2.08 -20.47 31.09
N ALA A 28 -2.10 -19.59 30.09
CA ALA A 28 -0.92 -19.28 29.29
C ALA A 28 0.08 -18.43 30.08
N PHE A 29 -0.45 -17.46 30.84
CA PHE A 29 0.40 -16.64 31.71
C PHE A 29 1.04 -17.45 32.82
N SER A 30 0.27 -18.36 33.43
CA SER A 30 0.83 -19.24 34.46
C SER A 30 2.00 -20.08 33.91
N ALA A 31 1.79 -20.64 32.73
CA ALA A 31 2.79 -21.48 32.07
C ALA A 31 4.06 -20.71 31.73
N VAL A 32 3.94 -19.57 31.05
CA VAL A 32 5.13 -18.79 30.70
C VAL A 32 5.88 -18.33 31.96
N GLY A 33 5.15 -17.94 32.99
CA GLY A 33 5.75 -17.55 34.25
C GLY A 33 6.64 -18.61 34.86
N ALA A 34 6.15 -19.86 34.86
CA ALA A 34 6.95 -20.96 35.39
C ALA A 34 8.22 -21.17 34.54
N LEU A 35 8.07 -21.11 33.22
CA LEU A 35 9.21 -21.30 32.32
C LEU A 35 10.21 -20.15 32.35
N GLU A 36 9.72 -18.92 32.50
CA GLU A 36 10.59 -17.74 32.67
C GLU A 36 11.65 -17.92 33.77
N ALA A 37 11.23 -18.49 34.89
CA ALA A 37 12.12 -18.74 36.01
C ALA A 37 13.20 -19.80 35.66
N GLN A 38 12.77 -20.87 35.00
CA GLN A 38 13.73 -21.91 34.58
C GLN A 38 14.72 -21.39 33.55
N LEU A 39 14.27 -20.50 32.66
CA LEU A 39 15.17 -19.88 31.69
C LEU A 39 16.21 -19.02 32.40
N LYS A 40 15.80 -18.24 33.39
CA LYS A 40 16.74 -17.44 34.14
C LYS A 40 17.78 -18.31 34.86
N LEU A 41 17.33 -19.39 35.49
CA LEU A 41 18.23 -20.34 36.14
C LEU A 41 19.23 -20.97 35.18
N LYS A 42 18.80 -21.23 33.95
CA LYS A 42 19.69 -21.77 32.91
C LYS A 42 20.68 -20.75 32.36
N THR A 43 20.19 -19.60 31.93
CA THR A 43 20.99 -18.64 31.16
C THR A 43 21.45 -17.39 31.89
N GLY A 44 20.90 -17.12 33.07
CA GLY A 44 21.18 -15.88 33.80
C GLY A 44 20.36 -14.68 33.33
N LYS A 45 19.53 -14.85 32.31
CA LYS A 45 18.78 -13.77 31.70
C LYS A 45 17.29 -13.93 31.99
N LEU A 46 16.69 -12.86 32.51
CA LEU A 46 15.25 -12.84 32.79
C LEU A 46 14.54 -12.23 31.59
N VAL A 47 13.70 -13.02 30.92
CA VAL A 47 12.95 -12.51 29.76
C VAL A 47 11.51 -13.00 29.76
N SER A 48 10.58 -12.06 29.55
CA SER A 48 9.16 -12.40 29.43
C SER A 48 8.95 -13.20 28.15
N LEU A 49 8.25 -14.32 28.30
CA LEU A 49 7.94 -15.21 27.20
C LEU A 49 6.52 -15.01 26.74
N SER A 50 6.24 -15.47 25.52
CA SER A 50 5.02 -15.10 24.81
C SER A 50 3.81 -15.91 25.26
N ALA A 51 2.97 -15.33 26.10
CA ALA A 51 1.66 -15.91 26.38
C ALA A 51 0.81 -16.01 25.09
N GLN A 52 0.94 -15.04 24.20
CA GLN A 52 0.17 -15.04 22.94
C GLN A 52 0.49 -16.26 22.06
N ASN A 53 1.77 -16.61 22.01
CA ASN A 53 2.27 -17.81 21.31
C ASN A 53 1.50 -19.06 21.77
N LEU A 54 1.30 -19.20 23.09
CA LEU A 54 0.52 -20.31 23.63
C LEU A 54 -0.96 -20.21 23.23
N VAL A 55 -1.53 -19.02 23.38
CA VAL A 55 -2.93 -18.78 23.03
C VAL A 55 -3.23 -19.20 21.58
N ASP A 56 -2.35 -18.78 20.66
CA ASP A 56 -2.56 -18.97 19.24
C ASP A 56 -2.16 -20.35 18.74
N CYS A 57 -1.15 -20.96 19.36
CA CYS A 57 -0.52 -22.17 18.81
C CYS A 57 -0.77 -23.45 19.61
N SER A 58 -0.91 -23.34 20.93
CA SER A 58 -1.25 -24.51 21.76
C SER A 58 -2.76 -24.59 21.83
N THR A 59 -3.38 -25.21 20.82
CA THR A 59 -4.83 -25.17 20.66
C THR A 59 -5.45 -26.58 20.80
N GLU A 60 -6.26 -27.05 19.82
CA GLU A 60 -7.14 -28.23 19.99
C GLU A 60 -6.36 -29.50 20.33
N LYS A 61 -5.17 -29.67 19.75
CA LYS A 61 -4.33 -30.84 20.03
C LYS A 61 -3.95 -30.92 21.51
N TYR A 62 -3.91 -29.77 22.17
CA TYR A 62 -3.52 -29.68 23.58
C TYR A 62 -4.70 -29.45 24.53
N GLY A 63 -5.92 -29.59 24.01
CA GLY A 63 -7.13 -29.37 24.81
C GLY A 63 -7.36 -27.93 25.27
N ASN A 64 -6.70 -26.98 24.62
CA ASN A 64 -6.75 -25.57 25.00
C ASN A 64 -7.58 -24.80 24.01
N LYS A 65 -8.20 -23.73 24.50
CA LYS A 65 -9.15 -22.93 23.74
C LYS A 65 -8.81 -21.46 23.83
N GLY A 66 -7.52 -21.13 23.85
CA GLY A 66 -7.06 -19.73 23.78
C GLY A 66 -7.70 -18.85 24.82
N CYS A 67 -8.41 -17.82 24.37
CA CYS A 67 -9.11 -16.91 25.28
C CYS A 67 -10.33 -17.53 26.00
N ASN A 68 -10.70 -18.77 25.68
CA ASN A 68 -11.73 -19.47 26.44
C ASN A 68 -11.18 -20.52 27.38
N GLY A 69 -9.87 -20.48 27.67
CA GLY A 69 -9.31 -21.31 28.74
C GLY A 69 -8.44 -22.42 28.23
N GLY A 70 -7.77 -23.09 29.15
CA GLY A 70 -6.78 -24.09 28.81
C GLY A 70 -6.02 -24.56 30.02
N PHE A 71 -4.89 -25.22 29.78
CA PHE A 71 -4.17 -25.96 30.81
C PHE A 71 -2.68 -25.68 30.71
N MET A 72 -2.04 -25.50 31.86
CA MET A 72 -0.59 -25.29 31.90
C MET A 72 0.19 -26.53 31.45
N THR A 73 -0.25 -27.70 31.89
CA THR A 73 0.42 -28.97 31.56
C THR A 73 0.56 -29.11 30.05
N THR A 74 -0.54 -28.94 29.33
CA THR A 74 -0.52 -29.12 27.88
C THR A 74 0.14 -27.95 27.15
N ALA A 75 0.12 -26.76 27.77
CA ALA A 75 0.94 -25.65 27.29
C ALA A 75 2.41 -26.04 27.28
N PHE A 76 2.87 -26.64 28.38
CA PHE A 76 4.26 -27.11 28.46
C PHE A 76 4.50 -28.16 27.37
N GLN A 77 3.55 -29.07 27.17
CA GLN A 77 3.71 -30.10 26.12
C GLN A 77 3.85 -29.48 24.75
N TYR A 78 3.09 -28.41 24.45
CA TYR A 78 3.25 -27.71 23.18
C TYR A 78 4.67 -27.17 23.02
N ILE A 79 5.22 -26.59 24.10
CA ILE A 79 6.56 -25.98 24.01
C ILE A 79 7.58 -27.10 23.77
N ILE A 80 7.41 -28.24 24.44
CA ILE A 80 8.27 -29.39 24.20
C ILE A 80 8.16 -29.82 22.71
N ASP A 81 6.94 -30.04 22.23
CA ASP A 81 6.70 -30.53 20.84
C ASP A 81 7.23 -29.55 19.80
N ASN A 82 7.01 -28.27 20.06
CA ASN A 82 7.39 -27.21 19.14
C ASN A 82 8.88 -26.90 19.15
N LYS A 83 9.60 -27.42 20.15
CA LYS A 83 11.02 -27.13 20.34
C LYS A 83 11.30 -25.63 20.50
N GLY A 84 10.37 -24.92 21.14
CA GLY A 84 10.58 -23.51 21.43
C GLY A 84 9.32 -22.73 21.76
N ILE A 85 9.52 -21.57 22.35
CA ILE A 85 8.50 -20.55 22.52
C ILE A 85 9.17 -19.21 22.24
N ASP A 86 8.44 -18.32 21.61
CA ASP A 86 8.96 -16.97 21.31
C ASP A 86 8.99 -16.07 22.54
N SER A 87 9.82 -15.03 22.47
CA SER A 87 9.81 -13.98 23.48
C SER A 87 8.50 -13.19 23.41
N ASP A 88 8.12 -12.62 24.53
CA ASP A 88 6.95 -11.74 24.58
C ASP A 88 7.18 -10.53 23.71
N ALA A 89 8.39 -9.96 23.73
CA ALA A 89 8.69 -8.81 22.89
C ALA A 89 8.48 -9.10 21.39
N SER A 90 8.87 -10.28 20.93
CA SER A 90 8.77 -10.65 19.51
C SER A 90 7.37 -11.10 19.10
N TYR A 91 6.57 -11.56 20.06
CA TYR A 91 5.24 -12.10 19.78
C TYR A 91 4.32 -11.59 20.90
N PRO A 92 3.95 -10.31 20.82
CA PRO A 92 3.29 -9.63 21.92
C PRO A 92 1.83 -10.04 22.13
N TYR A 93 1.34 -9.73 23.32
CA TYR A 93 0.03 -10.16 23.78
C TYR A 93 -1.06 -9.20 23.35
N LYS A 94 -2.06 -9.71 22.68
CA LYS A 94 -3.16 -8.88 22.15
C LYS A 94 -4.52 -9.19 22.80
N ALA A 95 -4.57 -10.13 23.74
CA ALA A 95 -5.80 -10.48 24.42
C ALA A 95 -6.91 -10.86 23.43
N MET A 96 -6.53 -11.66 22.42
CA MET A 96 -7.46 -12.20 21.44
C MET A 96 -6.90 -13.46 20.83
N ASP A 97 -7.77 -14.30 20.28
CA ASP A 97 -7.33 -15.48 19.54
C ASP A 97 -6.85 -15.04 18.17
N GLN A 98 -5.66 -15.46 17.79
CA GLN A 98 -5.07 -15.12 16.51
C GLN A 98 -4.52 -16.37 15.87
N LYS A 99 -4.27 -16.30 14.56
CA LYS A 99 -3.56 -17.34 13.83
C LYS A 99 -2.18 -17.56 14.46
N CYS A 100 -1.73 -18.80 14.53
CA CYS A 100 -0.40 -19.12 15.06
C CYS A 100 0.68 -18.47 14.20
N GLN A 101 1.53 -17.64 14.82
CA GLN A 101 2.62 -16.96 14.13
C GLN A 101 3.98 -17.25 14.78
N TYR A 102 4.13 -18.46 15.34
CA TYR A 102 5.38 -18.87 15.93
C TYR A 102 6.47 -18.80 14.85
N ASP A 103 7.61 -18.23 15.23
CA ASP A 103 8.77 -18.14 14.37
C ASP A 103 9.99 -18.56 15.20
N SER A 104 10.67 -19.64 14.78
CA SER A 104 11.88 -20.09 15.48
C SER A 104 13.00 -19.05 15.49
N LYS A 105 12.98 -18.11 14.55
CA LYS A 105 13.91 -16.99 14.57
C LYS A 105 13.86 -16.18 15.87
N TYR A 106 12.71 -16.10 16.53
CA TYR A 106 12.58 -15.37 17.79
C TYR A 106 12.44 -16.27 19.04
N ARG A 107 12.81 -17.54 18.91
CA ARG A 107 12.79 -18.47 20.04
C ARG A 107 13.59 -17.91 21.21
N ALA A 108 12.97 -17.83 22.38
CA ALA A 108 13.62 -17.36 23.60
C ALA A 108 13.80 -18.43 24.67
N ALA A 109 13.09 -19.54 24.56
CA ALA A 109 13.21 -20.64 25.51
C ALA A 109 12.77 -21.94 24.87
N THR A 110 13.20 -23.04 25.46
CA THR A 110 12.73 -24.38 25.14
C THR A 110 12.25 -25.00 26.44
N CYS A 111 11.65 -26.18 26.35
CA CYS A 111 11.24 -26.98 27.51
C CYS A 111 11.48 -28.47 27.20
N SER A 112 12.08 -29.19 28.13
CA SER A 112 12.42 -30.62 27.91
C SER A 112 11.33 -31.52 28.49
N LYS A 113 10.81 -31.14 29.65
CA LYS A 113 9.80 -31.93 30.32
C LYS A 113 9.01 -31.06 31.26
N TYR A 114 7.91 -31.61 31.77
CA TYR A 114 7.22 -31.02 32.91
C TYR A 114 6.82 -32.10 33.88
N THR A 115 6.53 -31.66 35.11
CA THR A 115 6.22 -32.54 36.21
C THR A 115 4.93 -32.06 36.85
N GLU A 116 4.00 -32.97 37.10
CA GLU A 116 2.78 -32.70 37.85
C GLU A 116 2.95 -33.15 39.29
N LEU A 117 2.50 -32.32 40.23
CA LEU A 117 2.57 -32.68 41.64
C LEU A 117 1.26 -33.33 42.08
N PRO A 118 1.32 -34.13 43.16
CA PRO A 118 0.12 -34.85 43.59
C PRO A 118 -0.96 -33.94 44.18
N TYR A 119 -2.21 -34.30 43.88
CA TYR A 119 -3.37 -33.53 44.26
C TYR A 119 -3.37 -33.25 45.75
N GLY A 120 -3.53 -31.98 46.10
CA GLY A 120 -3.77 -31.58 47.46
C GLY A 120 -2.59 -31.54 48.40
N ARG A 121 -1.40 -31.87 47.90
CA ARG A 121 -0.22 -32.00 48.76
C ARG A 121 0.55 -30.69 48.86
N GLU A 122 0.25 -29.92 49.89
CA GLU A 122 0.90 -28.64 50.12
C GLU A 122 2.36 -28.79 50.59
N ASP A 123 2.66 -29.89 51.26
CA ASP A 123 4.04 -30.23 51.62
C ASP A 123 4.91 -30.47 50.39
N VAL A 124 4.37 -31.17 49.40
CA VAL A 124 5.10 -31.46 48.17
C VAL A 124 5.25 -30.17 47.35
N LEU A 125 4.19 -29.36 47.32
CA LEU A 125 4.25 -28.06 46.65
C LEU A 125 5.34 -27.18 47.27
N LYS A 126 5.41 -27.14 48.60
CA LYS A 126 6.43 -26.37 49.31
C LYS A 126 7.83 -26.78 48.86
N GLU A 127 8.09 -28.09 48.83
CA GLU A 127 9.39 -28.61 48.43
C GLU A 127 9.77 -28.17 47.01
N ALA A 128 8.81 -28.28 46.10
CA ALA A 128 9.00 -27.91 44.70
C ALA A 128 9.26 -26.41 44.56
N VAL A 129 8.49 -25.59 45.26
CA VAL A 129 8.72 -24.14 45.23
C VAL A 129 10.11 -23.78 45.79
N ALA A 130 10.53 -24.46 46.85
CA ALA A 130 11.85 -24.20 47.43
C ALA A 130 12.99 -24.65 46.51
N ASN A 131 12.89 -25.86 45.97
CA ASN A 131 14.04 -26.50 45.33
C ASN A 131 14.04 -26.50 43.81
N LYS A 132 12.89 -26.29 43.19
CA LYS A 132 12.78 -26.32 41.72
C LYS A 132 12.57 -24.93 41.14
N GLY A 133 11.61 -24.20 41.70
CA GLY A 133 11.24 -22.89 41.18
C GLY A 133 9.78 -22.59 41.34
N PRO A 134 9.34 -21.45 40.80
CA PRO A 134 7.93 -21.15 40.76
C PRO A 134 7.12 -22.26 40.12
N VAL A 135 5.94 -22.51 40.67
CA VAL A 135 5.09 -23.63 40.25
C VAL A 135 3.77 -23.06 39.72
N SER A 136 3.39 -23.48 38.52
CA SER A 136 2.10 -23.15 37.94
C SER A 136 1.02 -23.89 38.74
N VAL A 137 -0.03 -23.18 39.16
CA VAL A 137 -1.14 -23.81 39.88
C VAL A 137 -2.46 -23.22 39.43
N GLY A 138 -3.52 -23.96 39.71
CA GLY A 138 -4.89 -23.44 39.56
C GLY A 138 -5.41 -23.03 40.92
N VAL A 139 -6.27 -22.00 40.94
CA VAL A 139 -7.00 -21.65 42.14
C VAL A 139 -8.47 -21.42 41.84
N ASP A 140 -9.28 -21.56 42.88
CA ASP A 140 -10.68 -21.14 42.87
C ASP A 140 -10.70 -19.63 43.09
N ALA A 141 -10.91 -18.88 42.02
CA ALA A 141 -10.90 -17.44 42.08
C ALA A 141 -12.31 -16.83 41.95
N ARG A 142 -13.35 -17.65 42.06
CA ARG A 142 -14.72 -17.20 41.76
C ARG A 142 -15.47 -16.68 42.98
N HIS A 143 -14.86 -15.75 43.71
CA HIS A 143 -15.51 -15.13 44.87
C HIS A 143 -15.13 -13.66 44.87
N PRO A 144 -16.08 -12.75 45.17
CA PRO A 144 -15.73 -11.34 45.24
C PRO A 144 -14.54 -11.04 46.15
N SER A 145 -14.44 -11.74 47.26
CA SER A 145 -13.28 -11.58 48.14
C SER A 145 -11.94 -11.73 47.37
N PHE A 146 -11.89 -12.62 46.40
CA PHE A 146 -10.64 -12.82 45.62
C PHE A 146 -10.34 -11.63 44.73
N PHE A 147 -11.29 -11.19 43.92
CA PHE A 147 -11.01 -10.12 42.96
C PHE A 147 -10.86 -8.74 43.61
N LEU A 148 -11.45 -8.55 44.79
CA LEU A 148 -11.28 -7.33 45.59
C LEU A 148 -10.10 -7.34 46.52
N TYR A 149 -9.42 -8.47 46.67
CA TYR A 149 -8.26 -8.55 47.55
C TYR A 149 -7.25 -7.43 47.31
N ARG A 150 -6.84 -6.79 48.41
CA ARG A 150 -5.83 -5.74 48.39
C ARG A 150 -4.57 -6.12 49.13
N SER A 151 -4.69 -6.73 50.32
CA SER A 151 -3.49 -7.05 51.09
C SER A 151 -3.76 -8.08 52.18
N GLY A 152 -2.69 -8.66 52.69
CA GLY A 152 -2.76 -9.63 53.80
C GLY A 152 -2.80 -11.07 53.31
N VAL A 153 -3.14 -12.00 54.20
CA VAL A 153 -3.26 -13.41 53.84
C VAL A 153 -4.73 -13.72 53.55
N TYR A 154 -5.00 -14.01 52.28
CA TYR A 154 -6.34 -14.34 51.82
C TYR A 154 -6.84 -15.68 52.37
N TYR A 155 -7.96 -15.62 53.08
CA TYR A 155 -8.70 -16.81 53.54
C TYR A 155 -10.20 -16.55 53.30
N GLU A 156 -10.85 -17.45 52.55
CA GLU A 156 -12.21 -17.34 52.12
C GLU A 156 -12.91 -18.66 52.49
N PRO A 157 -13.80 -18.65 53.50
CA PRO A 157 -14.50 -19.87 53.91
C PRO A 157 -15.26 -20.61 52.80
N SER A 158 -15.76 -19.89 51.79
CA SER A 158 -16.49 -20.51 50.66
C SER A 158 -15.61 -21.04 49.53
N CYS A 159 -14.28 -20.94 49.64
CA CYS A 159 -13.42 -21.48 48.60
C CYS A 159 -13.56 -22.99 48.51
N THR A 160 -13.39 -23.51 47.30
CA THR A 160 -13.42 -24.94 47.07
C THR A 160 -12.07 -25.36 46.53
N GLN A 161 -11.90 -26.68 46.42
CA GLN A 161 -10.72 -27.27 45.84
C GLN A 161 -10.83 -27.41 44.32
N ASN A 162 -11.93 -26.94 43.74
CA ASN A 162 -12.09 -26.93 42.28
C ASN A 162 -11.52 -25.62 41.76
N VAL A 163 -10.62 -25.73 40.78
CA VAL A 163 -9.83 -24.59 40.31
C VAL A 163 -10.38 -24.09 38.98
N ASN A 164 -10.27 -22.79 38.76
CA ASN A 164 -10.76 -22.14 37.54
C ASN A 164 -9.90 -20.97 37.02
N HIS A 165 -8.77 -20.69 37.66
CA HIS A 165 -7.91 -19.58 37.25
C HIS A 165 -6.46 -19.98 37.47
N GLY A 166 -5.66 -19.84 36.43
CA GLY A 166 -4.24 -20.14 36.47
C GLY A 166 -3.41 -19.00 37.00
N VAL A 167 -2.52 -19.31 37.93
CA VAL A 167 -1.64 -18.33 38.58
C VAL A 167 -0.29 -19.03 38.84
N LEU A 168 0.67 -18.30 39.43
CA LEU A 168 2.03 -18.82 39.63
C LEU A 168 2.44 -18.65 41.09
N VAL A 169 2.81 -19.76 41.74
CA VAL A 169 3.33 -19.70 43.09
C VAL A 169 4.80 -19.36 43.00
N VAL A 170 5.19 -18.19 43.49
CA VAL A 170 6.57 -17.72 43.43
C VAL A 170 7.22 -17.71 44.79
N GLY A 171 6.53 -18.22 45.79
CA GLY A 171 7.07 -18.22 47.14
C GLY A 171 6.10 -18.63 48.20
N TYR A 172 6.57 -18.51 49.45
CA TYR A 172 5.76 -18.81 50.61
C TYR A 172 6.41 -18.21 51.83
N GLY A 173 5.65 -18.12 52.90
CA GLY A 173 6.18 -17.64 54.16
C GLY A 173 5.11 -17.63 55.22
N ASP A 174 5.26 -16.73 56.17
CA ASP A 174 4.25 -16.50 57.22
C ASP A 174 4.13 -15.01 57.49
N LEU A 175 2.90 -14.55 57.68
CA LEU A 175 2.62 -13.14 57.98
C LEU A 175 1.92 -13.10 59.32
N ASN A 176 2.64 -12.70 60.37
CA ASN A 176 2.09 -12.60 61.73
C ASN A 176 1.35 -13.88 62.15
N GLY A 177 1.99 -15.03 61.90
CA GLY A 177 1.42 -16.34 62.25
C GLY A 177 0.53 -17.03 61.20
N LYS A 178 0.08 -16.30 60.19
CA LYS A 178 -0.70 -16.90 59.09
C LYS A 178 0.27 -17.35 58.01
N GLU A 179 0.37 -18.66 57.79
CA GLU A 179 1.19 -19.18 56.68
C GLU A 179 0.54 -18.89 55.32
N TYR A 180 1.34 -18.54 54.33
CA TYR A 180 0.81 -18.16 53.02
C TYR A 180 1.64 -18.71 51.88
N TRP A 181 1.00 -18.76 50.72
CA TRP A 181 1.65 -18.95 49.42
C TRP A 181 1.70 -17.58 48.77
N LEU A 182 2.83 -17.23 48.18
CA LEU A 182 3.01 -15.96 47.44
C LEU A 182 2.66 -16.22 45.99
N VAL A 183 1.61 -15.59 45.50
CA VAL A 183 1.04 -15.90 44.19
C VAL A 183 1.08 -14.70 43.24
N LYS A 184 1.70 -14.90 42.07
CA LYS A 184 1.69 -13.92 40.99
C LYS A 184 0.44 -14.13 40.13
N ASN A 185 -0.40 -13.11 40.02
CA ASN A 185 -1.61 -13.17 39.16
C ASN A 185 -1.29 -12.45 37.84
N SER A 186 -2.22 -12.53 36.89
CA SER A 186 -2.10 -11.86 35.60
C SER A 186 -3.26 -10.89 35.37
N TRP A 187 -3.62 -10.14 36.42
CA TRP A 187 -4.66 -9.12 36.34
C TRP A 187 -4.06 -7.73 36.52
N GLY A 188 -2.80 -7.53 36.17
CA GLY A 188 -2.15 -6.25 36.26
C GLY A 188 -1.89 -5.79 37.70
N HIS A 189 -1.34 -4.58 37.82
CA HIS A 189 -0.93 -4.06 39.12
C HIS A 189 -2.05 -3.59 40.04
N ASN A 190 -3.28 -3.40 39.52
CA ASN A 190 -4.37 -2.96 40.40
C ASN A 190 -5.06 -4.11 41.17
N PHE A 191 -4.68 -5.34 40.89
CA PHE A 191 -5.09 -6.45 41.71
C PHE A 191 -4.14 -6.62 42.86
N GLY A 192 -4.66 -6.80 44.06
CA GLY A 192 -3.85 -7.15 45.22
C GLY A 192 -2.68 -6.24 45.53
N GLU A 193 -1.56 -6.84 45.89
CA GLU A 193 -0.32 -6.11 46.23
C GLU A 193 0.52 -6.00 44.98
N GLU A 194 0.26 -4.95 44.21
CA GLU A 194 0.88 -4.74 42.92
C GLU A 194 0.86 -6.00 42.05
N GLY A 195 -0.29 -6.68 42.04
CA GLY A 195 -0.49 -7.87 41.21
C GLY A 195 -0.33 -9.21 41.89
N TYR A 196 0.07 -9.19 43.14
CA TYR A 196 0.33 -10.39 43.92
C TYR A 196 -0.73 -10.59 45.00
N ILE A 197 -0.96 -11.86 45.34
CA ILE A 197 -1.84 -12.22 46.44
C ILE A 197 -1.14 -13.26 47.31
N ARG A 198 -1.22 -13.08 48.61
CA ARG A 198 -0.76 -14.09 49.54
C ARG A 198 -1.97 -14.88 49.97
N MET A 199 -1.95 -16.19 49.71
CA MET A 199 -3.09 -17.08 49.92
C MET A 199 -2.79 -18.08 51.03
N ALA A 200 -3.79 -18.37 51.86
CA ALA A 200 -3.60 -19.24 53.03
C ALA A 200 -2.95 -20.56 52.64
N ARG A 201 -1.94 -20.93 53.40
CA ARG A 201 -1.16 -22.15 53.19
C ARG A 201 -1.36 -23.08 54.38
N ASN A 202 -1.33 -24.39 54.11
CA ASN A 202 -1.57 -25.45 55.09
C ASN A 202 -2.92 -25.30 55.80
N LYS A 203 -3.93 -24.87 55.06
CA LYS A 203 -5.30 -24.80 55.54
C LYS A 203 -6.20 -25.68 54.66
N GLY A 204 -5.81 -26.95 54.55
CA GLY A 204 -6.59 -27.97 53.83
C GLY A 204 -6.76 -27.72 52.35
N ASN A 205 -5.66 -27.36 51.67
CA ASN A 205 -5.68 -27.10 50.22
C ASN A 205 -6.65 -25.98 49.88
N HIS A 206 -6.45 -24.86 50.55
CA HIS A 206 -7.36 -23.74 50.45
C HIS A 206 -7.42 -23.13 49.05
N CYS A 207 -8.64 -23.02 48.52
CA CYS A 207 -8.93 -22.59 47.15
C CYS A 207 -8.29 -23.48 46.08
N GLY A 208 -7.95 -24.71 46.43
CA GLY A 208 -7.39 -25.67 45.51
C GLY A 208 -6.01 -25.36 45.01
N ILE A 209 -5.27 -24.58 45.78
CA ILE A 209 -3.95 -24.12 45.34
C ILE A 209 -2.98 -25.28 45.02
N ALA A 210 -3.07 -26.37 45.77
CA ALA A 210 -2.28 -27.58 45.51
C ALA A 210 -3.03 -28.68 44.73
N SER A 211 -4.19 -28.38 44.14
CA SER A 211 -4.97 -29.37 43.40
C SER A 211 -4.26 -29.81 42.13
N PHE A 212 -3.81 -28.84 41.33
CA PHE A 212 -3.15 -29.13 40.04
C PHE A 212 -1.86 -28.35 39.76
N PRO A 213 -0.81 -28.59 40.57
CA PRO A 213 0.47 -27.93 40.38
C PRO A 213 1.33 -28.63 39.32
N SER A 214 2.05 -27.82 38.55
CA SER A 214 3.02 -28.33 37.59
C SER A 214 4.14 -27.33 37.35
N TYR A 215 5.30 -27.83 36.97
CA TYR A 215 6.43 -26.97 36.63
C TYR A 215 7.25 -27.59 35.48
N PRO A 216 7.77 -26.75 34.58
CA PRO A 216 8.61 -27.21 33.50
C PRO A 216 10.08 -27.27 33.91
N GLU A 217 10.87 -27.99 33.12
CA GLU A 217 12.32 -27.91 33.22
C GLU A 217 12.94 -27.83 31.84
N ILE A 218 14.16 -27.30 31.77
CA ILE A 218 14.92 -27.13 30.54
C ILE A 218 16.20 -27.96 30.77
N LEU A 219 16.27 -29.12 30.15
CA LEU A 219 17.35 -30.12 30.41
C LEU A 219 17.98 -30.64 29.12
N GLN A 220 19.22 -31.07 29.23
CA GLN A 220 19.86 -31.83 28.16
C GLN A 220 19.73 -33.33 28.46
N GLY A 221 19.84 -34.15 27.42
CA GLY A 221 19.85 -35.61 27.60
C GLY A 221 18.47 -36.20 27.48
N ILE B 1 9.20 -19.33 5.44
CA ILE B 1 7.80 -19.53 5.91
C ILE B 1 6.70 -18.64 5.30
N LEU B 2 7.06 -17.64 4.48
CA LEU B 2 6.09 -16.88 3.69
C LEU B 2 5.77 -17.58 2.38
N PRO B 3 4.52 -17.45 1.88
CA PRO B 3 4.27 -17.99 0.53
C PRO B 3 5.12 -17.28 -0.54
N ASP B 4 5.45 -18.04 -1.59
CA ASP B 4 6.24 -17.51 -2.70
C ASP B 4 5.46 -16.50 -3.53
N SER B 5 4.13 -16.69 -3.58
CA SER B 5 3.23 -15.82 -4.33
C SER B 5 1.96 -15.58 -3.54
N VAL B 6 1.40 -14.39 -3.69
CA VAL B 6 0.13 -14.02 -3.05
C VAL B 6 -0.64 -13.20 -4.09
N ASP B 7 -1.96 -13.39 -4.06
CA ASP B 7 -2.84 -12.62 -4.92
C ASP B 7 -4.20 -12.57 -4.19
N TRP B 8 -4.48 -11.41 -3.57
CA TRP B 8 -5.68 -11.25 -2.78
C TRP B 8 -6.97 -11.27 -3.61
N ARG B 9 -6.86 -11.11 -4.93
CA ARG B 9 -8.05 -11.25 -5.79
C ARG B 9 -8.62 -12.66 -5.68
N GLU B 10 -7.75 -13.67 -5.54
CA GLU B 10 -8.15 -15.07 -5.41
C GLU B 10 -8.92 -15.36 -4.12
N LYS B 11 -8.69 -14.57 -3.07
CA LYS B 11 -9.40 -14.71 -1.80
C LYS B 11 -10.64 -13.85 -1.71
N GLY B 12 -11.06 -13.26 -2.82
CA GLY B 12 -12.32 -12.49 -2.84
C GLY B 12 -12.26 -11.19 -2.07
N CYS B 13 -11.06 -10.61 -1.91
CA CYS B 13 -10.87 -9.41 -1.09
C CYS B 13 -10.59 -8.15 -1.90
N VAL B 14 -10.69 -8.22 -3.21
CA VAL B 14 -10.38 -7.07 -4.08
C VAL B 14 -11.55 -6.76 -5.00
N THR B 15 -12.05 -5.52 -4.91
CA THR B 15 -13.13 -5.06 -5.76
C THR B 15 -12.62 -4.73 -7.17
N GLU B 16 -13.56 -4.46 -8.06
CA GLU B 16 -13.26 -4.08 -9.43
C GLU B 16 -12.35 -2.84 -9.47
N VAL B 17 -11.52 -2.77 -10.51
CA VAL B 17 -10.65 -1.62 -10.74
C VAL B 17 -11.53 -0.40 -11.05
N LYS B 18 -11.24 0.72 -10.43
CA LYS B 18 -12.01 1.93 -10.63
C LYS B 18 -11.24 2.87 -11.57
N TYR B 19 -11.94 3.90 -12.05
CA TYR B 19 -11.40 4.88 -12.98
C TYR B 19 -11.47 6.24 -12.33
N GLN B 20 -10.32 6.79 -11.93
CA GLN B 20 -10.31 8.06 -11.20
C GLN B 20 -10.58 9.26 -12.12
N GLY B 21 -10.40 9.09 -13.43
CA GLY B 21 -10.58 10.19 -14.39
C GLY B 21 -9.55 11.29 -14.20
N SER B 22 -9.95 12.53 -14.47
CA SER B 22 -9.06 13.69 -14.36
C SER B 22 -8.85 14.21 -12.94
N CYS B 23 -9.50 13.60 -11.96
CA CYS B 23 -9.38 13.98 -10.56
C CYS B 23 -8.23 13.23 -9.91
N GLY B 24 -7.31 13.97 -9.31
CA GLY B 24 -6.10 13.39 -8.68
C GLY B 24 -6.39 12.82 -7.31
N ALA B 25 -7.26 11.80 -7.25
CA ALA B 25 -7.73 11.23 -6.00
C ALA B 25 -7.24 9.79 -5.78
N SER B 26 -6.08 9.46 -6.32
CA SER B 26 -5.53 8.12 -6.18
C SER B 26 -5.34 7.75 -4.70
N TRP B 27 -5.00 8.75 -3.88
CA TRP B 27 -4.90 8.54 -2.42
C TRP B 27 -6.18 7.93 -1.86
N ALA B 28 -7.34 8.40 -2.33
CA ALA B 28 -8.62 7.96 -1.80
C ALA B 28 -8.95 6.54 -2.27
N PHE B 29 -8.66 6.25 -3.55
CA PHE B 29 -8.84 4.91 -4.08
C PHE B 29 -7.93 3.88 -3.40
N SER B 30 -6.67 4.25 -3.16
CA SER B 30 -5.76 3.37 -2.44
C SER B 30 -6.27 3.03 -1.06
N ALA B 31 -6.75 4.05 -0.34
CA ALA B 31 -7.28 3.89 1.00
C ALA B 31 -8.50 2.99 1.05
N VAL B 32 -9.52 3.28 0.23
CA VAL B 32 -10.72 2.44 0.22
C VAL B 32 -10.40 1.00 -0.18
N GLY B 33 -9.50 0.81 -1.14
CA GLY B 33 -9.07 -0.53 -1.54
C GLY B 33 -8.51 -1.35 -0.40
N ALA B 34 -7.65 -0.73 0.41
CA ALA B 34 -7.09 -1.44 1.57
C ALA B 34 -8.19 -1.79 2.57
N LEU B 35 -9.10 -0.86 2.82
CA LEU B 35 -10.21 -1.09 3.77
C LEU B 35 -11.22 -2.09 3.27
N GLU B 36 -11.51 -2.09 1.97
CA GLU B 36 -12.41 -3.08 1.35
C GLU B 36 -12.02 -4.53 1.68
N ALA B 37 -10.71 -4.81 1.65
CA ALA B 37 -10.19 -6.14 1.96
C ALA B 37 -10.42 -6.49 3.43
N GLN B 38 -10.14 -5.54 4.33
CA GLN B 38 -10.36 -5.77 5.76
C GLN B 38 -11.84 -5.96 6.08
N LEU B 39 -12.73 -5.25 5.36
CA LEU B 39 -14.17 -5.43 5.51
C LEU B 39 -14.58 -6.84 5.12
N LYS B 40 -14.08 -7.30 3.97
CA LYS B 40 -14.40 -8.65 3.55
C LYS B 40 -13.92 -9.70 4.55
N LEU B 41 -12.70 -9.55 5.05
CA LEU B 41 -12.15 -10.45 6.08
C LEU B 41 -13.00 -10.45 7.35
N LYS B 42 -13.54 -9.30 7.74
CA LYS B 42 -14.42 -9.20 8.90
C LYS B 42 -15.81 -9.81 8.67
N THR B 43 -16.48 -9.39 7.60
CA THR B 43 -17.90 -9.68 7.41
C THR B 43 -18.24 -10.74 6.36
N GLY B 44 -17.27 -11.14 5.53
CA GLY B 44 -17.53 -12.05 4.42
C GLY B 44 -18.10 -11.38 3.17
N LYS B 45 -18.34 -10.06 3.23
CA LYS B 45 -18.98 -9.33 2.15
C LYS B 45 -17.98 -8.38 1.49
N LEU B 46 -17.87 -8.48 0.16
CA LEU B 46 -17.00 -7.60 -0.61
C LEU B 46 -17.86 -6.45 -1.13
N VAL B 47 -17.54 -5.23 -0.70
CA VAL B 47 -18.28 -4.05 -1.18
C VAL B 47 -17.33 -2.88 -1.44
N SER B 48 -17.50 -2.25 -2.60
CA SER B 48 -16.75 -1.04 -2.94
C SER B 48 -17.18 0.08 -2.02
N LEU B 49 -16.17 0.75 -1.45
CA LEU B 49 -16.37 1.84 -0.52
C LEU B 49 -16.14 3.16 -1.24
N SER B 50 -16.65 4.23 -0.63
CA SER B 50 -16.76 5.51 -1.31
C SER B 50 -15.46 6.31 -1.32
N ALA B 51 -14.75 6.25 -2.44
CA ALA B 51 -13.62 7.17 -2.63
C ALA B 51 -14.09 8.64 -2.59
N GLN B 52 -15.29 8.92 -3.11
CA GLN B 52 -15.83 10.28 -3.12
C GLN B 52 -15.99 10.86 -1.72
N ASN B 53 -16.47 10.03 -0.80
CA ASN B 53 -16.61 10.37 0.62
C ASN B 53 -15.28 10.91 1.18
N LEU B 54 -14.17 10.24 0.85
CA LEU B 54 -12.86 10.71 1.26
C LEU B 54 -12.48 12.03 0.60
N VAL B 55 -12.69 12.11 -0.71
CA VAL B 55 -12.39 13.31 -1.49
C VAL B 55 -13.09 14.54 -0.90
N ASP B 56 -14.37 14.40 -0.59
CA ASP B 56 -15.21 15.51 -0.16
C ASP B 56 -15.08 15.84 1.32
N CYS B 57 -14.81 14.83 2.16
CA CYS B 57 -14.89 14.98 3.60
C CYS B 57 -13.57 14.91 4.34
N SER B 58 -12.59 14.15 3.85
CA SER B 58 -11.26 14.11 4.45
C SER B 58 -10.43 15.21 3.79
N THR B 59 -10.56 16.43 4.28
CA THR B 59 -10.01 17.60 3.62
C THR B 59 -8.89 18.28 4.46
N GLU B 60 -8.99 19.58 4.74
CA GLU B 60 -7.85 20.38 5.26
C GLU B 60 -7.31 19.86 6.59
N LYS B 61 -8.20 19.39 7.46
CA LYS B 61 -7.81 18.84 8.75
C LYS B 61 -6.89 17.63 8.61
N TYR B 62 -7.01 16.92 7.48
CA TYR B 62 -6.22 15.72 7.21
C TYR B 62 -5.09 15.95 6.20
N GLY B 63 -4.81 17.21 5.88
CA GLY B 63 -3.78 17.55 4.89
C GLY B 63 -4.07 17.12 3.48
N ASN B 64 -5.35 16.85 3.17
CA ASN B 64 -5.75 16.34 1.86
C ASN B 64 -6.46 17.45 1.09
N LYS B 65 -6.33 17.37 -0.23
CA LYS B 65 -6.82 18.38 -1.14
C LYS B 65 -7.66 17.77 -2.25
N GLY B 66 -8.44 16.74 -1.91
CA GLY B 66 -9.40 16.16 -2.85
C GLY B 66 -8.79 15.77 -4.18
N CYS B 67 -9.30 16.35 -5.25
CA CYS B 67 -8.77 16.11 -6.59
C CYS B 67 -7.36 16.68 -6.85
N ASN B 68 -6.78 17.42 -5.89
CA ASN B 68 -5.38 17.85 -6.00
C ASN B 68 -4.46 17.05 -5.10
N GLY B 69 -4.89 15.89 -4.61
CA GLY B 69 -3.98 14.96 -3.93
C GLY B 69 -4.21 14.87 -2.45
N GLY B 70 -3.52 13.94 -1.82
CA GLY B 70 -3.73 13.64 -0.42
C GLY B 70 -2.99 12.39 0.02
N PHE B 71 -3.38 11.83 1.16
CA PHE B 71 -2.62 10.79 1.82
C PHE B 71 -3.54 9.70 2.32
N MET B 72 -3.10 8.45 2.16
CA MET B 72 -3.88 7.31 2.66
C MET B 72 -3.95 7.27 4.18
N THR B 73 -2.83 7.57 4.84
CA THR B 73 -2.76 7.55 6.31
C THR B 73 -3.84 8.43 6.90
N THR B 74 -3.92 9.67 6.43
CA THR B 74 -4.87 10.62 7.00
C THR B 74 -6.31 10.35 6.52
N ALA B 75 -6.45 9.72 5.34
CA ALA B 75 -7.74 9.18 4.93
C ALA B 75 -8.26 8.17 5.96
N PHE B 76 -7.38 7.26 6.38
CA PHE B 76 -7.75 6.29 7.41
C PHE B 76 -8.13 7.02 8.69
N GLN B 77 -7.37 8.04 9.07
CA GLN B 77 -7.68 8.82 10.29
C GLN B 77 -9.06 9.46 10.20
N TYR B 78 -9.43 9.99 9.03
CA TYR B 78 -10.78 10.55 8.85
C TYR B 78 -11.85 9.48 9.11
N ILE B 79 -11.64 8.26 8.59
CA ILE B 79 -12.63 7.19 8.75
C ILE B 79 -12.74 6.83 10.24
N ILE B 80 -11.60 6.76 10.93
CA ILE B 80 -11.61 6.55 12.38
C ILE B 80 -12.43 7.66 13.08
N ASP B 81 -12.07 8.92 12.81
CA ASP B 81 -12.72 10.08 13.47
C ASP B 81 -14.22 10.15 13.18
N ASN B 82 -14.56 9.88 11.92
CA ASN B 82 -15.93 9.96 11.45
C ASN B 82 -16.79 8.78 11.89
N LYS B 83 -16.15 7.72 12.42
CA LYS B 83 -16.83 6.49 12.81
C LYS B 83 -17.57 5.84 11.64
N GLY B 84 -17.01 5.96 10.44
CA GLY B 84 -17.61 5.34 9.26
C GLY B 84 -17.18 5.91 7.93
N ILE B 85 -17.41 5.10 6.90
CA ILE B 85 -17.33 5.54 5.51
C ILE B 85 -18.52 4.93 4.79
N ASP B 86 -19.09 5.69 3.86
CA ASP B 86 -20.22 5.20 3.07
C ASP B 86 -19.80 4.21 1.99
N SER B 87 -20.77 3.43 1.54
CA SER B 87 -20.57 2.56 0.38
C SER B 87 -20.41 3.41 -0.87
N ASP B 88 -19.70 2.87 -1.86
CA ASP B 88 -19.56 3.52 -3.14
C ASP B 88 -20.93 3.65 -3.80
N ALA B 89 -21.77 2.61 -3.70
CA ALA B 89 -23.12 2.68 -4.28
C ALA B 89 -23.95 3.87 -3.74
N SER B 90 -23.86 4.11 -2.44
CA SER B 90 -24.62 5.19 -1.79
C SER B 90 -24.01 6.58 -1.97
N TYR B 91 -22.72 6.65 -2.22
CA TYR B 91 -22.01 7.91 -2.32
C TYR B 91 -21.01 7.78 -3.49
N PRO B 92 -21.54 7.84 -4.72
CA PRO B 92 -20.76 7.48 -5.89
C PRO B 92 -19.72 8.51 -6.30
N TYR B 93 -18.78 8.07 -7.12
CA TYR B 93 -17.61 8.83 -7.49
C TYR B 93 -17.89 9.69 -8.70
N LYS B 94 -17.63 10.99 -8.56
CA LYS B 94 -17.90 11.96 -9.62
C LYS B 94 -16.65 12.60 -10.21
N ALA B 95 -15.47 12.25 -9.70
CA ALA B 95 -14.22 12.82 -10.21
C ALA B 95 -14.23 14.34 -10.17
N MET B 96 -14.71 14.88 -9.06
CA MET B 96 -14.73 16.31 -8.77
C MET B 96 -14.75 16.51 -7.26
N ASP B 97 -14.32 17.69 -6.84
CA ASP B 97 -14.48 18.11 -5.44
C ASP B 97 -15.92 18.52 -5.24
N GLN B 98 -16.55 17.95 -4.20
CA GLN B 98 -17.97 18.16 -3.96
C GLN B 98 -18.11 18.46 -2.49
N LYS B 99 -19.25 19.06 -2.15
CA LYS B 99 -19.61 19.29 -0.74
C LYS B 99 -19.67 17.94 -0.01
N CYS B 100 -19.18 17.88 1.23
CA CYS B 100 -19.24 16.63 2.00
C CYS B 100 -20.69 16.24 2.23
N GLN B 101 -21.07 15.03 1.83
CA GLN B 101 -22.42 14.51 2.01
C GLN B 101 -22.45 13.15 2.67
N TYR B 102 -21.53 12.95 3.62
CA TYR B 102 -21.51 11.70 4.38
C TYR B 102 -22.85 11.53 5.10
N ASP B 103 -23.37 10.32 5.05
CA ASP B 103 -24.59 9.96 5.75
C ASP B 103 -24.37 8.62 6.48
N SER B 104 -24.45 8.63 7.79
CA SER B 104 -24.28 7.41 8.58
C SER B 104 -25.31 6.31 8.26
N LYS B 105 -26.46 6.70 7.71
CA LYS B 105 -27.45 5.74 7.23
C LYS B 105 -26.86 4.73 6.22
N TYR B 106 -25.89 5.17 5.41
CA TYR B 106 -25.28 4.30 4.40
C TYR B 106 -23.85 3.85 4.74
N ARG B 107 -23.47 3.95 6.02
CA ARG B 107 -22.17 3.47 6.47
C ARG B 107 -22.00 2.01 6.07
N ALA B 108 -20.89 1.71 5.39
CA ALA B 108 -20.55 0.34 4.98
C ALA B 108 -19.32 -0.23 5.69
N ALA B 109 -18.52 0.62 6.30
CA ALA B 109 -17.32 0.18 6.99
C ALA B 109 -16.94 1.16 8.07
N THR B 110 -16.17 0.67 9.04
CA THR B 110 -15.52 1.48 10.03
C THR B 110 -14.02 1.16 9.96
N CYS B 111 -13.23 1.93 10.69
CA CYS B 111 -11.81 1.71 10.85
C CYS B 111 -11.41 2.03 12.30
N SER B 112 -10.67 1.14 12.94
CA SER B 112 -10.26 1.31 14.34
C SER B 112 -8.88 1.94 14.44
N LYS B 113 -7.98 1.52 13.55
CA LYS B 113 -6.62 2.04 13.55
C LYS B 113 -6.00 1.81 12.18
N TYR B 114 -4.83 2.37 11.97
CA TYR B 114 -3.99 2.02 10.83
C TYR B 114 -2.54 1.91 11.28
N THR B 115 -1.73 1.27 10.45
CA THR B 115 -0.34 0.95 10.76
C THR B 115 0.49 1.39 9.57
N GLU B 116 1.57 2.11 9.85
CA GLU B 116 2.56 2.49 8.84
C GLU B 116 3.75 1.52 8.91
N LEU B 117 4.23 1.10 7.74
CA LEU B 117 5.38 0.21 7.67
C LEU B 117 6.65 1.04 7.46
N PRO B 118 7.81 0.48 7.83
CA PRO B 118 9.04 1.29 7.76
C PRO B 118 9.51 1.59 6.34
N TYR B 119 10.05 2.79 6.17
CA TYR B 119 10.51 3.29 4.89
C TYR B 119 11.46 2.32 4.23
N GLY B 120 11.16 1.99 2.98
CA GLY B 120 12.07 1.24 2.13
C GLY B 120 12.17 -0.25 2.37
N ARG B 121 11.43 -0.79 3.33
CA ARG B 121 11.56 -2.18 3.73
C ARG B 121 10.61 -3.08 2.96
N GLU B 122 11.12 -3.65 1.86
CA GLU B 122 10.33 -4.53 1.01
C GLU B 122 10.07 -5.90 1.67
N ASP B 123 10.98 -6.33 2.54
CA ASP B 123 10.75 -7.54 3.35
C ASP B 123 9.58 -7.39 4.31
N VAL B 124 9.46 -6.23 4.94
CA VAL B 124 8.37 -5.97 5.87
C VAL B 124 7.05 -5.83 5.07
N LEU B 125 7.11 -5.15 3.93
CA LEU B 125 5.94 -5.05 3.04
C LEU B 125 5.44 -6.42 2.62
N LYS B 126 6.36 -7.31 2.23
CA LYS B 126 6.01 -8.69 1.84
C LYS B 126 5.24 -9.40 2.95
N GLU B 127 5.76 -9.31 4.18
CA GLU B 127 5.12 -9.96 5.33
C GLU B 127 3.70 -9.44 5.54
N ALA B 128 3.54 -8.12 5.48
CA ALA B 128 2.25 -7.48 5.67
C ALA B 128 1.26 -7.89 4.57
N VAL B 129 1.71 -7.91 3.32
CA VAL B 129 0.85 -8.35 2.22
C VAL B 129 0.42 -9.82 2.41
N ALA B 130 1.35 -10.68 2.85
CA ALA B 130 1.02 -12.08 3.09
C ALA B 130 0.05 -12.26 4.25
N ASN B 131 0.32 -11.62 5.38
CA ASN B 131 -0.35 -11.94 6.64
C ASN B 131 -1.46 -10.98 7.08
N LYS B 132 -1.49 -9.77 6.55
CA LYS B 132 -2.49 -8.75 6.96
C LYS B 132 -3.54 -8.51 5.88
N GLY B 133 -3.07 -8.32 4.64
CA GLY B 133 -3.95 -7.99 3.54
C GLY B 133 -3.28 -7.03 2.57
N PRO B 134 -4.03 -6.58 1.56
CA PRO B 134 -3.53 -5.57 0.66
C PRO B 134 -3.08 -4.34 1.42
N VAL B 135 -1.99 -3.72 0.93
CA VAL B 135 -1.36 -2.59 1.61
C VAL B 135 -1.40 -1.38 0.69
N SER B 136 -1.89 -0.25 1.20
CA SER B 136 -1.85 1.02 0.48
C SER B 136 -0.40 1.48 0.39
N VAL B 137 0.04 1.86 -0.81
CA VAL B 137 1.40 2.39 -1.00
C VAL B 137 1.39 3.56 -1.97
N GLY B 138 2.45 4.34 -1.89
CA GLY B 138 2.72 5.37 -2.89
C GLY B 138 3.75 4.85 -3.87
N VAL B 139 3.64 5.28 -5.13
CA VAL B 139 4.67 5.03 -6.11
C VAL B 139 5.00 6.30 -6.88
N ASP B 140 6.20 6.31 -7.46
CA ASP B 140 6.61 7.30 -8.43
C ASP B 140 6.02 6.91 -9.77
N ALA B 141 4.93 7.59 -10.16
CA ALA B 141 4.26 7.30 -11.42
C ALA B 141 4.49 8.38 -12.45
N ARG B 142 5.44 9.30 -12.20
CA ARG B 142 5.59 10.52 -13.04
C ARG B 142 6.64 10.28 -14.12
N HIS B 143 6.53 9.17 -14.84
CA HIS B 143 7.41 8.84 -15.94
C HIS B 143 6.56 8.21 -17.04
N PRO B 144 6.73 8.64 -18.30
CA PRO B 144 5.84 8.15 -19.34
C PRO B 144 5.75 6.63 -19.43
N SER B 145 6.86 5.94 -19.19
CA SER B 145 6.86 4.48 -19.15
C SER B 145 5.76 3.91 -18.23
N PHE B 146 5.46 4.59 -17.13
CA PHE B 146 4.42 4.10 -16.21
C PHE B 146 3.03 4.11 -16.82
N PHE B 147 2.63 5.25 -17.38
CA PHE B 147 1.35 5.42 -18.10
C PHE B 147 1.18 4.49 -19.30
N LEU B 148 2.29 4.23 -19.98
CA LEU B 148 2.34 3.35 -21.16
C LEU B 148 2.45 1.83 -20.85
N TYR B 149 2.69 1.47 -19.60
CA TYR B 149 2.81 0.06 -19.23
C TYR B 149 1.58 -0.76 -19.69
N ARG B 150 1.82 -1.88 -20.34
CA ARG B 150 0.77 -2.83 -20.76
C ARG B 150 0.91 -4.18 -20.11
N SER B 151 2.13 -4.71 -20.01
CA SER B 151 2.29 -6.06 -19.42
C SER B 151 3.73 -6.32 -19.01
N GLY B 152 3.90 -7.34 -18.18
CA GLY B 152 5.22 -7.77 -17.71
C GLY B 152 5.60 -7.17 -16.36
N VAL B 153 6.87 -7.26 -16.02
CA VAL B 153 7.37 -6.66 -14.78
C VAL B 153 7.96 -5.29 -15.09
N TYR B 154 7.33 -4.25 -14.60
CA TYR B 154 7.74 -2.86 -14.82
C TYR B 154 9.05 -2.55 -14.08
N TYR B 155 10.06 -2.15 -14.86
CA TYR B 155 11.33 -1.67 -14.31
C TYR B 155 11.76 -0.44 -15.15
N GLU B 156 11.96 0.69 -14.49
CA GLU B 156 12.20 1.99 -15.09
C GLU B 156 13.43 2.58 -14.40
N PRO B 157 14.59 2.64 -15.10
CA PRO B 157 15.81 3.21 -14.50
C PRO B 157 15.67 4.63 -13.93
N SER B 158 14.79 5.47 -14.48
CA SER B 158 14.57 6.83 -13.97
C SER B 158 13.60 6.95 -12.77
N CYS B 159 13.04 5.84 -12.30
CA CYS B 159 12.18 5.91 -11.12
C CYS B 159 12.95 6.35 -9.89
N THR B 160 12.27 7.05 -9.01
CA THR B 160 12.85 7.52 -7.76
C THR B 160 12.07 6.92 -6.61
N GLN B 161 12.57 7.12 -5.40
CA GLN B 161 11.90 6.71 -4.18
C GLN B 161 10.93 7.77 -3.68
N ASN B 162 10.77 8.86 -4.42
CA ASN B 162 9.78 9.88 -4.07
C ASN B 162 8.47 9.52 -4.73
N VAL B 163 7.40 9.44 -3.94
CA VAL B 163 6.12 8.90 -4.38
C VAL B 163 5.12 10.03 -4.63
N ASN B 164 4.24 9.82 -5.60
CA ASN B 164 3.23 10.82 -5.99
C ASN B 164 1.88 10.25 -6.45
N HIS B 165 1.70 8.93 -6.40
CA HIS B 165 0.49 8.29 -6.89
C HIS B 165 0.17 7.13 -5.96
N GLY B 166 -1.05 7.14 -5.44
CA GLY B 166 -1.52 6.11 -4.52
C GLY B 166 -2.06 4.90 -5.30
N VAL B 167 -1.63 3.72 -4.87
CA VAL B 167 -2.01 2.45 -5.47
C VAL B 167 -2.11 1.42 -4.33
N LEU B 168 -2.49 0.17 -4.67
CA LEU B 168 -2.75 -0.86 -3.67
C LEU B 168 -1.98 -2.12 -4.02
N VAL B 169 -1.11 -2.58 -3.11
CA VAL B 169 -0.38 -3.82 -3.31
C VAL B 169 -1.30 -4.95 -2.88
N VAL B 170 -1.72 -5.77 -3.84
CA VAL B 170 -2.63 -6.89 -3.56
C VAL B 170 -1.93 -8.22 -3.63
N GLY B 171 -0.63 -8.21 -3.88
CA GLY B 171 0.10 -9.43 -4.04
C GLY B 171 1.55 -9.28 -4.45
N TYR B 172 2.16 -10.43 -4.70
CA TYR B 172 3.53 -10.51 -5.17
C TYR B 172 3.80 -11.87 -5.75
N GLY B 173 4.89 -11.98 -6.49
CA GLY B 173 5.33 -13.24 -7.01
C GLY B 173 6.59 -13.10 -7.82
N ASP B 174 6.76 -14.00 -8.78
CA ASP B 174 7.86 -13.88 -9.75
C ASP B 174 7.36 -14.26 -11.14
N LEU B 175 7.83 -13.55 -12.16
CA LEU B 175 7.52 -13.81 -13.56
C LEU B 175 8.83 -14.20 -14.25
N ASN B 176 8.99 -15.49 -14.55
CA ASN B 176 10.20 -16.07 -15.12
C ASN B 176 11.46 -15.62 -14.34
N GLY B 177 11.39 -15.65 -13.01
CA GLY B 177 12.50 -15.24 -12.16
C GLY B 177 12.61 -13.76 -11.77
N LYS B 178 11.89 -12.87 -12.46
CA LYS B 178 11.84 -11.46 -12.08
C LYS B 178 10.74 -11.27 -11.03
N GLU B 179 11.15 -10.91 -9.81
CA GLU B 179 10.25 -10.73 -8.69
C GLU B 179 9.42 -9.45 -8.88
N TYR B 180 8.14 -9.50 -8.51
CA TYR B 180 7.26 -8.36 -8.70
C TYR B 180 6.31 -8.17 -7.53
N TRP B 181 5.80 -6.95 -7.45
CA TRP B 181 4.65 -6.61 -6.61
C TRP B 181 3.45 -6.53 -7.53
N LEU B 182 2.33 -7.10 -7.12
CA LEU B 182 1.06 -7.02 -7.89
C LEU B 182 0.28 -5.80 -7.39
N VAL B 183 0.10 -4.83 -8.28
CA VAL B 183 -0.41 -3.52 -7.89
C VAL B 183 -1.73 -3.18 -8.59
N LYS B 184 -2.75 -2.87 -7.78
CA LYS B 184 -4.04 -2.38 -8.30
C LYS B 184 -3.97 -0.88 -8.47
N ASN B 185 -4.18 -0.40 -9.69
CA ASN B 185 -4.20 1.04 -10.00
C ASN B 185 -5.67 1.49 -10.06
N SER B 186 -5.88 2.79 -10.20
CA SER B 186 -7.21 3.37 -10.34
C SER B 186 -7.34 4.16 -11.64
N TRP B 187 -6.79 3.60 -12.73
CA TRP B 187 -6.90 4.22 -14.06
C TRP B 187 -7.78 3.37 -15.00
N GLY B 188 -8.72 2.62 -14.41
CA GLY B 188 -9.61 1.78 -15.18
C GLY B 188 -8.91 0.53 -15.72
N HIS B 189 -9.71 -0.33 -16.31
CA HIS B 189 -9.25 -1.60 -16.86
C HIS B 189 -8.39 -1.52 -18.12
N ASN B 190 -8.34 -0.37 -18.79
CA ASN B 190 -7.48 -0.23 -19.97
C ASN B 190 -6.02 0.11 -19.65
N PHE B 191 -5.71 0.35 -18.39
CA PHE B 191 -4.33 0.49 -17.96
C PHE B 191 -3.77 -0.89 -17.67
N GLY B 192 -2.56 -1.15 -18.16
CA GLY B 192 -1.86 -2.36 -17.81
C GLY B 192 -2.60 -3.66 -18.07
N GLU B 193 -2.48 -4.60 -17.12
CA GLU B 193 -3.12 -5.92 -17.23
C GLU B 193 -4.48 -5.84 -16.55
N GLU B 194 -5.49 -5.44 -17.33
CA GLU B 194 -6.84 -5.24 -16.81
C GLU B 194 -6.85 -4.38 -15.52
N GLY B 195 -6.02 -3.33 -15.51
CA GLY B 195 -6.00 -2.35 -14.44
C GLY B 195 -4.88 -2.52 -13.44
N TYR B 196 -4.10 -3.59 -13.61
CA TYR B 196 -3.03 -3.96 -12.70
C TYR B 196 -1.68 -3.75 -13.37
N ILE B 197 -0.68 -3.49 -12.53
CA ILE B 197 0.71 -3.43 -12.95
C ILE B 197 1.53 -4.30 -12.02
N ARG B 198 2.42 -5.09 -12.59
CA ARG B 198 3.39 -5.84 -11.82
C ARG B 198 4.66 -5.00 -11.83
N MET B 199 5.12 -4.60 -10.65
CA MET B 199 6.25 -3.68 -10.48
C MET B 199 7.42 -4.40 -9.84
N ALA B 200 8.64 -4.08 -10.28
CA ALA B 200 9.85 -4.78 -9.81
C ALA B 200 9.93 -4.79 -8.29
N ARG B 201 10.21 -5.96 -7.76
CA ARG B 201 10.30 -6.17 -6.30
C ARG B 201 11.74 -6.57 -5.94
N ASN B 202 12.18 -6.14 -4.77
CA ASN B 202 13.53 -6.33 -4.27
C ASN B 202 14.60 -5.78 -5.22
N LYS B 203 14.30 -4.65 -5.85
CA LYS B 203 15.24 -3.93 -6.67
C LYS B 203 15.42 -2.52 -6.10
N GLY B 204 15.81 -2.49 -4.83
CA GLY B 204 16.20 -1.23 -4.14
C GLY B 204 15.04 -0.25 -3.98
N ASN B 205 13.87 -0.74 -3.56
CA ASN B 205 12.70 0.11 -3.33
C ASN B 205 12.31 0.85 -4.61
N HIS B 206 12.14 0.06 -5.67
CA HIS B 206 11.94 0.61 -6.99
C HIS B 206 10.63 1.40 -7.12
N CYS B 207 10.75 2.63 -7.61
CA CYS B 207 9.65 3.61 -7.69
C CYS B 207 9.03 3.96 -6.35
N GLY B 208 9.77 3.72 -5.26
CA GLY B 208 9.33 4.06 -3.91
C GLY B 208 8.18 3.23 -3.40
N ILE B 209 8.00 2.03 -3.94
CA ILE B 209 6.85 1.21 -3.59
C ILE B 209 6.75 0.91 -2.09
N ALA B 210 7.89 0.72 -1.43
CA ALA B 210 7.94 0.52 0.02
C ALA B 210 8.28 1.79 0.83
N SER B 211 8.23 2.97 0.21
CA SER B 211 8.55 4.22 0.92
C SER B 211 7.50 4.55 1.99
N PHE B 212 6.22 4.50 1.61
CA PHE B 212 5.12 4.84 2.56
C PHE B 212 3.93 3.87 2.53
N PRO B 213 4.15 2.63 2.97
CA PRO B 213 3.08 1.67 3.07
C PRO B 213 2.25 1.80 4.34
N SER B 214 0.94 1.59 4.22
CA SER B 214 0.05 1.57 5.35
C SER B 214 -1.14 0.68 5.10
N TYR B 215 -1.72 0.15 6.18
CA TYR B 215 -2.94 -0.65 6.08
C TYR B 215 -3.84 -0.39 7.29
N PRO B 216 -5.17 -0.36 7.07
CA PRO B 216 -6.12 -0.18 8.15
C PRO B 216 -6.50 -1.48 8.80
N GLU B 217 -7.10 -1.40 9.97
CA GLU B 217 -7.79 -2.54 10.58
C GLU B 217 -9.12 -2.13 11.14
N ILE B 218 -10.00 -3.12 11.27
CA ILE B 218 -11.37 -2.94 11.76
C ILE B 218 -11.54 -3.68 13.07
N LEU B 219 -12.08 -3.01 14.10
CA LEU B 219 -12.27 -3.61 15.44
C LEU B 219 -13.03 -4.93 15.44
N GLN B 220 -12.73 -5.77 16.44
CA GLN B 220 -13.48 -7.00 16.77
C GLN B 220 -13.58 -8.01 15.61
N ILE C 1 -13.81 19.50 -53.63
CA ILE C 1 -14.13 18.08 -53.33
C ILE C 1 -12.85 17.36 -52.89
N LEU C 2 -12.80 16.99 -51.61
CA LEU C 2 -11.58 16.49 -50.95
C LEU C 2 -11.55 14.97 -50.98
N PRO C 3 -10.38 14.34 -50.88
CA PRO C 3 -10.36 12.88 -50.71
C PRO C 3 -11.03 12.44 -49.40
N ASP C 4 -11.60 11.26 -49.41
CA ASP C 4 -12.27 10.71 -48.23
C ASP C 4 -11.29 10.30 -47.15
N SER C 5 -10.06 9.93 -47.56
CA SER C 5 -8.99 9.53 -46.63
C SER C 5 -7.66 10.10 -47.06
N VAL C 6 -6.79 10.43 -46.11
CA VAL C 6 -5.40 10.77 -46.44
C VAL C 6 -4.49 10.26 -45.34
N ASP C 7 -3.27 9.89 -45.70
CA ASP C 7 -2.26 9.48 -44.73
C ASP C 7 -0.90 9.88 -45.30
N TRP C 8 -0.34 10.94 -44.71
CA TRP C 8 0.93 11.50 -45.17
C TRP C 8 2.14 10.56 -44.95
N ARG C 9 1.98 9.55 -44.12
CA ARG C 9 3.04 8.52 -43.99
C ARG C 9 3.28 7.81 -45.31
N GLU C 10 2.24 7.61 -46.10
CA GLU C 10 2.33 6.97 -47.43
C GLU C 10 3.13 7.78 -48.44
N LYS C 11 3.15 9.10 -48.27
CA LYS C 11 3.94 10.00 -49.14
C LYS C 11 5.35 10.24 -48.64
N GLY C 12 5.77 9.51 -47.59
CA GLY C 12 7.11 9.65 -47.05
C GLY C 12 7.43 10.99 -46.42
N CYS C 13 6.39 11.64 -45.88
CA CYS C 13 6.53 12.98 -45.31
C CYS C 13 6.52 13.03 -43.78
N VAL C 14 6.55 11.87 -43.14
CA VAL C 14 6.47 11.76 -41.68
C VAL C 14 7.66 10.98 -41.14
N THR C 15 8.40 11.63 -40.25
CA THR C 15 9.55 11.01 -39.60
C THR C 15 9.11 10.05 -38.50
N GLU C 16 10.10 9.31 -37.98
CA GLU C 16 9.90 8.40 -36.87
C GLU C 16 9.25 9.13 -35.67
N VAL C 17 8.43 8.37 -34.92
CA VAL C 17 7.78 8.90 -33.73
C VAL C 17 8.84 9.18 -32.68
N LYS C 18 8.79 10.36 -32.05
CA LYS C 18 9.78 10.73 -31.06
C LYS C 18 9.24 10.54 -29.66
N TYR C 19 10.11 10.58 -28.66
CA TYR C 19 9.76 10.34 -27.26
C TYR C 19 10.14 11.59 -26.47
N GLN C 20 9.16 12.37 -26.05
CA GLN C 20 9.44 13.64 -25.37
C GLN C 20 9.95 13.46 -23.93
N GLY C 21 9.71 12.28 -23.34
CA GLY C 21 10.10 12.04 -21.95
C GLY C 21 9.34 12.95 -20.98
N SER C 22 9.99 13.32 -19.87
CA SER C 22 9.38 14.14 -18.83
C SER C 22 9.31 15.64 -19.12
N CYS C 23 9.81 16.05 -20.28
CA CYS C 23 9.86 17.47 -20.67
C CYS C 23 8.58 17.81 -21.41
N GLY C 24 7.88 18.87 -20.96
CA GLY C 24 6.61 19.26 -21.58
C GLY C 24 6.81 20.07 -22.84
N ALA C 25 7.40 19.45 -23.86
CA ALA C 25 7.81 20.14 -25.10
C ALA C 25 7.03 19.62 -26.30
N SER C 26 5.80 19.14 -26.09
CA SER C 26 4.99 18.63 -27.18
C SER C 26 4.77 19.75 -28.24
N TRP C 27 4.70 21.02 -27.80
CA TRP C 27 4.63 22.15 -28.74
C TRP C 27 5.76 22.10 -29.77
N ALA C 28 6.96 21.77 -29.33
CA ALA C 28 8.15 21.76 -30.19
C ALA C 28 8.13 20.57 -31.16
N PHE C 29 7.72 19.41 -30.66
CA PHE C 29 7.54 18.23 -31.51
C PHE C 29 6.46 18.40 -32.56
N SER C 30 5.33 19.00 -32.17
CA SER C 30 4.26 19.31 -33.13
C SER C 30 4.76 20.20 -34.26
N ALA C 31 5.49 21.24 -33.89
CA ALA C 31 6.03 22.21 -34.84
C ALA C 31 7.02 21.58 -35.80
N VAL C 32 8.03 20.87 -35.28
CA VAL C 32 9.02 20.26 -36.16
C VAL C 32 8.37 19.24 -37.09
N GLY C 33 7.41 18.47 -36.58
CA GLY C 33 6.69 17.50 -37.38
C GLY C 33 6.00 18.13 -38.59
N ALA C 34 5.34 19.26 -38.37
CA ALA C 34 4.67 19.95 -39.49
C ALA C 34 5.71 20.42 -40.52
N LEU C 35 6.83 21.00 -40.04
CA LEU C 35 7.87 21.50 -40.93
C LEU C 35 8.61 20.38 -41.66
N GLU C 36 8.84 19.25 -40.99
CA GLU C 36 9.46 18.07 -41.62
C GLU C 36 8.76 17.65 -42.93
N ALA C 37 7.43 17.68 -42.91
CA ALA C 37 6.63 17.34 -44.08
C ALA C 37 6.81 18.35 -45.21
N GLN C 38 6.79 19.64 -44.87
CA GLN C 38 7.00 20.68 -45.87
C GLN C 38 8.40 20.62 -46.47
N LEU C 39 9.40 20.25 -45.66
CA LEU C 39 10.76 20.08 -46.16
C LEU C 39 10.83 18.95 -47.16
N LYS C 40 10.20 17.83 -46.83
CA LYS C 40 10.19 16.71 -47.75
C LYS C 40 9.50 17.05 -49.08
N LEU C 41 8.37 17.73 -49.00
CA LEU C 41 7.67 18.21 -50.18
C LEU C 41 8.50 19.15 -51.04
N LYS C 42 9.30 20.01 -50.41
CA LYS C 42 10.17 20.94 -51.12
C LYS C 42 11.38 20.24 -51.74
N THR C 43 12.12 19.46 -50.96
CA THR C 43 13.44 18.97 -51.35
C THR C 43 13.52 17.49 -51.70
N GLY C 44 12.49 16.71 -51.39
CA GLY C 44 12.52 15.26 -51.55
C GLY C 44 13.24 14.50 -50.44
N LYS C 45 13.76 15.22 -49.45
CA LYS C 45 14.53 14.63 -48.36
C LYS C 45 13.75 14.67 -47.05
N LEU C 46 13.63 13.53 -46.39
CA LEU C 46 12.97 13.43 -45.09
C LEU C 46 14.03 13.55 -44.01
N VAL C 47 13.98 14.60 -43.20
CA VAL C 47 14.94 14.74 -42.10
C VAL C 47 14.26 15.21 -40.81
N SER C 48 14.52 14.52 -39.72
CA SER C 48 14.02 14.92 -38.40
C SER C 48 14.71 16.22 -37.99
N LEU C 49 13.90 17.19 -37.58
CA LEU C 49 14.36 18.50 -37.18
C LEU C 49 14.40 18.62 -35.67
N SER C 50 15.16 19.58 -35.19
CA SER C 50 15.54 19.67 -33.79
C SER C 50 14.47 20.29 -32.91
N ALA C 51 13.71 19.45 -32.22
CA ALA C 51 12.83 19.94 -31.16
C ALA C 51 13.64 20.66 -30.06
N GLN C 52 14.85 20.17 -29.75
CA GLN C 52 15.69 20.80 -28.72
C GLN C 52 16.05 22.25 -29.05
N ASN C 53 16.36 22.49 -30.32
CA ASN C 53 16.63 23.83 -30.86
C ASN C 53 15.49 24.79 -30.50
N LEU C 54 14.25 24.35 -30.67
CA LEU C 54 13.08 25.15 -30.30
C LEU C 54 13.00 25.36 -28.78
N VAL C 55 13.18 24.28 -28.03
CA VAL C 55 13.13 24.32 -26.57
C VAL C 55 14.11 25.34 -26.00
N ASP C 56 15.34 25.33 -26.52
CA ASP C 56 16.43 26.15 -26.01
C ASP C 56 16.43 27.56 -26.54
N CYS C 57 15.98 27.77 -27.78
CA CYS C 57 16.16 29.05 -28.47
C CYS C 57 14.88 29.84 -28.72
N SER C 58 13.74 29.17 -28.90
CA SER C 58 12.45 29.85 -29.04
C SER C 58 11.87 30.00 -27.64
N THR C 59 12.29 31.05 -26.93
CA THR C 59 11.97 31.20 -25.51
C THR C 59 11.07 32.43 -25.25
N GLU C 60 11.45 33.35 -24.35
CA GLU C 60 10.54 34.38 -23.80
C GLU C 60 9.96 35.30 -24.87
N LYS C 61 10.76 35.62 -25.88
CA LYS C 61 10.32 36.48 -26.98
C LYS C 61 9.16 35.85 -27.75
N TYR C 62 9.06 34.52 -27.72
CA TYR C 62 8.03 33.77 -28.42
C TYR C 62 6.94 33.23 -27.49
N GLY C 63 6.92 33.67 -26.23
CA GLY C 63 5.96 33.19 -25.25
C GLY C 63 6.10 31.74 -24.86
N ASN C 64 7.26 31.13 -25.13
CA ASN C 64 7.48 29.71 -24.91
C ASN C 64 8.39 29.52 -23.71
N LYS C 65 8.22 28.38 -23.05
CA LYS C 65 8.85 28.10 -21.76
C LYS C 65 9.46 26.71 -21.79
N GLY C 66 10.01 26.31 -22.94
CA GLY C 66 10.75 25.08 -23.07
C GLY C 66 9.99 23.86 -22.54
N CYS C 67 10.54 23.19 -21.55
CA CYS C 67 9.91 22.03 -20.94
C CYS C 67 8.64 22.35 -20.10
N ASN C 68 8.31 23.63 -19.93
CA ASN C 68 7.04 24.00 -19.29
C ASN C 68 6.00 24.49 -20.29
N GLY C 69 6.19 24.21 -21.58
CA GLY C 69 5.12 24.44 -22.56
C GLY C 69 5.42 25.60 -23.47
N GLY C 70 4.56 25.76 -24.46
CA GLY C 70 4.78 26.72 -25.51
C GLY C 70 3.78 26.55 -26.64
N PHE C 71 4.10 27.15 -27.79
CA PHE C 71 3.15 27.28 -28.88
C PHE C 71 3.80 26.94 -30.20
N MET C 72 3.08 26.22 -31.04
CA MET C 72 3.60 25.89 -32.38
C MET C 72 3.74 27.14 -33.26
N THR C 73 2.74 28.04 -33.19
CA THR C 73 2.74 29.25 -33.99
C THR C 73 4.03 30.04 -33.78
N THR C 74 4.38 30.30 -32.54
CA THR C 74 5.55 31.10 -32.24
C THR C 74 6.85 30.33 -32.43
N ALA C 75 6.79 28.99 -32.32
CA ALA C 75 7.91 28.15 -32.75
C ALA C 75 8.22 28.40 -34.23
N PHE C 76 7.18 28.41 -35.06
CA PHE C 76 7.35 28.70 -36.48
C PHE C 76 7.96 30.10 -36.65
N GLN C 77 7.46 31.08 -35.89
CA GLN C 77 7.99 32.44 -35.98
C GLN C 77 9.48 32.50 -35.63
N TYR C 78 9.91 31.74 -34.63
CA TYR C 78 11.34 31.67 -34.30
C TYR C 78 12.16 31.16 -35.50
N ILE C 79 11.65 30.11 -36.17
CA ILE C 79 12.37 29.53 -37.30
C ILE C 79 12.45 30.55 -38.44
N ILE C 80 11.37 31.28 -38.67
CA ILE C 80 11.38 32.36 -39.65
C ILE C 80 12.44 33.41 -39.27
N ASP C 81 12.39 33.91 -38.03
CA ASP C 81 13.29 34.98 -37.56
C ASP C 81 14.75 34.52 -37.60
N ASN C 82 14.98 33.28 -37.20
CA ASN C 82 16.32 32.73 -37.10
C ASN C 82 16.90 32.34 -38.46
N LYS C 83 16.06 32.30 -39.50
CA LYS C 83 16.45 31.85 -40.84
C LYS C 83 16.99 30.42 -40.83
N GLY C 84 16.44 29.58 -39.97
CA GLY C 84 16.85 28.19 -39.91
C GLY C 84 16.47 27.45 -38.64
N ILE C 85 16.46 26.13 -38.75
CA ILE C 85 16.42 25.24 -37.61
C ILE C 85 17.40 24.11 -37.91
N ASP C 86 18.09 23.65 -36.87
CA ASP C 86 19.03 22.56 -37.02
C ASP C 86 18.35 21.21 -37.17
N SER C 87 19.11 20.25 -37.71
CA SER C 87 18.66 18.87 -37.75
C SER C 87 18.64 18.31 -36.32
N ASP C 88 17.76 17.33 -36.12
CA ASP C 88 17.69 16.63 -34.85
C ASP C 88 19.00 15.90 -34.57
N ALA C 89 19.58 15.29 -35.61
CA ALA C 89 20.86 14.59 -35.43
C ALA C 89 21.97 15.52 -34.92
N SER C 90 22.04 16.75 -35.44
CA SER C 90 23.08 17.70 -35.05
C SER C 90 22.83 18.42 -33.74
N TYR C 91 21.57 18.48 -33.32
CA TYR C 91 21.18 19.21 -32.10
C TYR C 91 20.14 18.34 -31.41
N PRO C 92 20.61 17.26 -30.75
CA PRO C 92 19.74 16.21 -30.29
C PRO C 92 18.94 16.58 -29.05
N TYR C 93 17.89 15.80 -28.83
CA TYR C 93 16.90 16.09 -27.81
C TYR C 93 17.29 15.49 -26.48
N LYS C 94 17.33 16.32 -25.45
CA LYS C 94 17.75 15.91 -24.13
C LYS C 94 16.64 15.98 -23.08
N ALA C 95 15.44 16.41 -23.48
CA ALA C 95 14.31 16.47 -22.56
C ALA C 95 14.64 17.32 -21.32
N MET C 96 15.29 18.47 -21.56
CA MET C 96 15.61 19.45 -20.53
C MET C 96 15.84 20.81 -21.19
N ASP C 97 15.68 21.86 -20.41
CA ASP C 97 16.00 23.21 -20.86
C ASP C 97 17.51 23.40 -20.87
N GLN C 98 18.04 23.88 -21.98
CA GLN C 98 19.48 24.09 -22.14
C GLN C 98 19.71 25.46 -22.74
N LYS C 99 20.94 25.95 -22.63
CA LYS C 99 21.38 27.16 -23.33
C LYS C 99 21.21 26.98 -24.83
N CYS C 100 20.79 28.02 -25.53
CA CYS C 100 20.65 27.97 -26.98
C CYS C 100 21.99 27.69 -27.65
N GLN C 101 22.06 26.62 -28.45
CA GLN C 101 23.28 26.21 -29.16
C GLN C 101 23.03 26.08 -30.67
N TYR C 102 22.15 26.93 -31.23
CA TYR C 102 21.87 26.89 -32.65
C TYR C 102 23.15 27.15 -33.41
N ASP C 103 23.38 26.37 -34.46
CA ASP C 103 24.53 26.53 -35.33
C ASP C 103 24.04 26.48 -36.78
N SER C 104 24.21 27.58 -37.51
CA SER C 104 23.79 27.63 -38.92
C SER C 104 24.50 26.60 -39.80
N LYS C 105 25.68 26.14 -39.39
CA LYS C 105 26.37 25.06 -40.09
C LYS C 105 25.51 23.79 -40.24
N TYR C 106 24.64 23.52 -39.27
CA TYR C 106 23.79 22.33 -39.32
C TYR C 106 22.31 22.61 -39.63
N ARG C 107 22.03 23.79 -40.18
CA ARG C 107 20.68 24.14 -40.63
C ARG C 107 20.16 23.07 -41.58
N ALA C 108 18.99 22.53 -41.26
CA ALA C 108 18.33 21.51 -42.10
C ALA C 108 17.04 22.00 -42.76
N ALA C 109 16.48 23.10 -42.27
CA ALA C 109 15.25 23.65 -42.84
C ALA C 109 15.14 25.11 -42.55
N THR C 110 14.34 25.78 -43.37
CA THR C 110 13.93 27.15 -43.15
C THR C 110 12.41 27.16 -43.15
N CYS C 111 11.83 28.31 -42.79
CA CYS C 111 10.38 28.53 -42.83
C CYS C 111 10.12 29.98 -43.29
N SER C 112 9.20 30.16 -44.22
CA SER C 112 8.89 31.50 -44.76
C SER C 112 7.72 32.13 -44.05
N LYS C 113 6.71 31.31 -43.76
CA LYS C 113 5.50 31.82 -43.09
C LYS C 113 4.78 30.67 -42.42
N TYR C 114 3.76 30.99 -41.64
CA TYR C 114 2.81 30.00 -41.15
C TYR C 114 1.40 30.57 -41.23
N THR C 115 0.42 29.66 -41.16
CA THR C 115 -0.99 29.98 -41.30
C THR C 115 -1.75 29.37 -40.14
N GLU C 116 -2.60 30.14 -39.49
CA GLU C 116 -3.51 29.66 -38.46
C GLU C 116 -4.90 29.43 -39.05
N LEU C 117 -5.53 28.31 -38.70
CA LEU C 117 -6.86 27.99 -39.19
C LEU C 117 -7.91 28.47 -38.20
N PRO C 118 -9.15 28.69 -38.68
CA PRO C 118 -10.20 29.19 -37.79
C PRO C 118 -10.66 28.20 -36.73
N TYR C 119 -10.96 28.74 -35.56
CA TYR C 119 -11.32 27.94 -34.39
C TYR C 119 -12.47 27.03 -34.71
N GLY C 120 -12.29 25.75 -34.39
CA GLY C 120 -13.38 24.77 -34.40
C GLY C 120 -13.81 24.25 -35.74
N ARG C 121 -13.13 24.67 -36.82
CA ARG C 121 -13.54 24.33 -38.15
C ARG C 121 -12.86 23.05 -38.65
N GLU C 122 -13.54 21.92 -38.45
CA GLU C 122 -13.00 20.63 -38.86
C GLU C 122 -13.00 20.45 -40.39
N ASP C 123 -13.94 21.10 -41.07
CA ASP C 123 -13.94 21.14 -42.53
C ASP C 123 -12.72 21.84 -43.10
N VAL C 124 -12.32 22.95 -42.49
CA VAL C 124 -11.15 23.70 -42.94
C VAL C 124 -9.88 22.91 -42.60
N LEU C 125 -9.84 22.27 -41.43
CA LEU C 125 -8.72 21.42 -41.05
C LEU C 125 -8.55 20.29 -42.07
N LYS C 126 -9.65 19.65 -42.44
CA LYS C 126 -9.63 18.58 -43.44
C LYS C 126 -9.00 19.05 -44.75
N GLU C 127 -9.44 20.22 -45.24
CA GLU C 127 -8.92 20.78 -46.49
C GLU C 127 -7.42 21.03 -46.42
N ALA C 128 -6.97 21.59 -45.30
CA ALA C 128 -5.56 21.88 -45.09
C ALA C 128 -4.73 20.59 -45.03
N VAL C 129 -5.23 19.59 -44.32
CA VAL C 129 -4.54 18.28 -44.27
C VAL C 129 -4.45 17.65 -45.67
N ALA C 130 -5.52 17.74 -46.44
CA ALA C 130 -5.53 17.19 -47.79
C ALA C 130 -4.59 17.93 -48.74
N ASN C 131 -4.65 19.26 -48.74
CA ASN C 131 -4.03 20.07 -49.79
C ASN C 131 -2.71 20.72 -49.44
N LYS C 132 -2.41 20.87 -48.15
CA LYS C 132 -1.18 21.54 -47.69
C LYS C 132 -0.18 20.56 -47.09
N GLY C 133 -0.66 19.68 -46.21
CA GLY C 133 0.22 18.78 -45.49
C GLY C 133 -0.25 18.59 -44.05
N PRO C 134 0.52 17.83 -43.26
CA PRO C 134 0.26 17.69 -41.85
C PRO C 134 0.12 19.02 -41.15
N VAL C 135 -0.82 19.10 -40.20
CA VAL C 135 -1.15 20.35 -39.52
C VAL C 135 -0.90 20.17 -38.01
N SER C 136 -0.17 21.11 -37.43
CA SER C 136 0.06 21.14 -35.99
C SER C 136 -1.25 21.53 -35.30
N VAL C 137 -1.64 20.79 -34.27
CA VAL C 137 -2.85 21.10 -33.48
C VAL C 137 -2.63 20.88 -32.02
N GLY C 138 -3.47 21.50 -31.21
CA GLY C 138 -3.55 21.25 -29.78
C GLY C 138 -4.72 20.33 -29.51
N VAL C 139 -4.57 19.47 -28.51
CA VAL C 139 -5.69 18.67 -28.04
C VAL C 139 -5.76 18.71 -26.52
N ASP C 140 -6.95 18.41 -26.00
CA ASP C 140 -7.16 18.17 -24.58
C ASP C 140 -6.74 16.74 -24.28
N ALA C 141 -5.56 16.60 -23.69
CA ALA C 141 -5.00 15.27 -23.36
C ALA C 141 -5.04 15.02 -21.86
N ARG C 142 -5.81 15.80 -21.10
CA ARG C 142 -5.82 15.74 -19.63
C ARG C 142 -6.85 14.74 -19.10
N HIS C 143 -6.88 13.54 -19.67
CA HIS C 143 -7.75 12.48 -19.22
C HIS C 143 -6.95 11.19 -19.35
N PRO C 144 -6.99 10.33 -18.32
CA PRO C 144 -6.31 9.04 -18.44
C PRO C 144 -6.63 8.27 -19.71
N SER C 145 -7.87 8.32 -20.16
CA SER C 145 -8.25 7.64 -21.39
C SER C 145 -7.31 8.01 -22.56
N PHE C 146 -6.82 9.26 -22.62
CA PHE C 146 -5.92 9.66 -23.70
C PHE C 146 -4.59 8.91 -23.69
N PHE C 147 -3.90 8.94 -22.54
CA PHE C 147 -2.60 8.27 -22.47
C PHE C 147 -2.69 6.74 -22.45
N LEU C 148 -3.83 6.20 -22.04
CA LEU C 148 -4.12 4.77 -22.03
C LEU C 148 -4.61 4.20 -23.36
N TYR C 149 -4.96 5.08 -24.31
CA TYR C 149 -5.39 4.65 -25.61
C TYR C 149 -4.39 3.66 -26.25
N ARG C 150 -4.92 2.56 -26.78
CA ARG C 150 -4.13 1.55 -27.50
C ARG C 150 -4.54 1.43 -28.95
N SER C 151 -5.84 1.45 -29.25
CA SER C 151 -6.30 1.28 -30.62
C SER C 151 -7.73 1.74 -30.83
N GLY C 152 -8.09 1.92 -32.09
CA GLY C 152 -9.44 2.30 -32.51
C GLY C 152 -9.60 3.81 -32.64
N VAL C 153 -10.85 4.26 -32.64
CA VAL C 153 -11.16 5.68 -32.72
C VAL C 153 -11.45 6.19 -31.32
N TYR C 154 -10.57 7.05 -30.81
CA TYR C 154 -10.68 7.65 -29.48
C TYR C 154 -11.86 8.62 -29.40
N TYR C 155 -12.78 8.34 -28.48
CA TYR C 155 -13.87 9.25 -28.11
C TYR C 155 -13.99 9.25 -26.58
N GLU C 156 -13.90 10.43 -25.98
CA GLU C 156 -13.87 10.63 -24.54
C GLU C 156 -14.97 11.67 -24.22
N PRO C 157 -16.09 11.23 -23.60
CA PRO C 157 -17.19 12.15 -23.26
C PRO C 157 -16.78 13.36 -22.42
N SER C 158 -15.76 13.24 -21.56
CA SER C 158 -15.30 14.37 -20.73
C SER C 158 -14.32 15.35 -21.41
N CYS C 159 -13.97 15.12 -22.67
CA CYS C 159 -13.07 16.02 -23.37
C CYS C 159 -13.65 17.41 -23.51
N THR C 160 -12.78 18.41 -23.49
CA THR C 160 -13.18 19.78 -23.69
C THR C 160 -12.49 20.31 -24.94
N GLN C 161 -12.88 21.52 -25.34
CA GLN C 161 -12.27 22.21 -26.45
C GLN C 161 -11.07 23.04 -26.03
N ASN C 162 -10.70 22.97 -24.74
CA ASN C 162 -9.51 23.65 -24.24
C ASN C 162 -8.32 22.71 -24.40
N VAL C 163 -7.27 23.18 -25.05
CA VAL C 163 -6.17 22.33 -25.50
C VAL C 163 -4.94 22.54 -24.62
N ASN C 164 -4.17 21.47 -24.43
CA ASN C 164 -2.98 21.50 -23.57
C ASN C 164 -1.81 20.61 -24.03
N HIS C 165 -1.93 19.94 -25.17
CA HIS C 165 -0.89 18.99 -25.62
C HIS C 165 -0.81 19.12 -27.14
N GLY C 166 0.40 19.39 -27.62
CA GLY C 166 0.67 19.56 -29.03
C GLY C 166 0.90 18.23 -29.71
N VAL C 167 0.23 18.04 -30.85
CA VAL C 167 0.31 16.84 -31.65
C VAL C 167 0.22 17.24 -33.13
N LEU C 168 0.30 16.29 -34.04
CA LEU C 168 0.36 16.55 -35.48
C LEU C 168 -0.70 15.73 -36.20
N VAL C 169 -1.59 16.39 -36.93
CA VAL C 169 -2.56 15.70 -37.75
C VAL C 169 -1.87 15.33 -39.06
N VAL C 170 -1.68 14.05 -39.31
CA VAL C 170 -1.00 13.58 -40.53
C VAL C 170 -1.98 12.93 -41.49
N GLY C 171 -3.26 12.95 -41.15
CA GLY C 171 -4.24 12.29 -41.99
C GLY C 171 -5.64 12.25 -41.38
N TYR C 172 -6.50 11.55 -42.10
CA TYR C 172 -7.87 11.32 -41.66
C TYR C 172 -8.47 10.18 -42.45
N GLY C 173 -9.57 9.65 -41.95
CA GLY C 173 -10.30 8.62 -42.64
C GLY C 173 -11.53 8.20 -41.86
N ASP C 174 -11.94 6.96 -42.04
CA ASP C 174 -13.01 6.37 -41.27
C ASP C 174 -12.68 4.91 -40.94
N LEU C 175 -13.05 4.48 -39.73
CA LEU C 175 -12.96 3.10 -39.32
C LEU C 175 -14.36 2.54 -39.11
N ASN C 176 -14.85 1.75 -40.06
CA ASN C 176 -16.21 1.19 -40.03
C ASN C 176 -17.28 2.25 -39.73
N GLY C 177 -17.18 3.40 -40.40
CA GLY C 177 -18.14 4.50 -40.19
C GLY C 177 -17.86 5.51 -39.07
N LYS C 178 -16.88 5.22 -38.19
CA LYS C 178 -16.40 6.23 -37.24
C LYS C 178 -15.29 7.05 -37.90
N GLU C 179 -15.57 8.31 -38.18
CA GLU C 179 -14.60 9.20 -38.80
C GLU C 179 -13.53 9.60 -37.79
N TYR C 180 -12.29 9.68 -38.25
CA TYR C 180 -11.17 9.97 -37.34
C TYR C 180 -10.17 10.93 -37.97
N TRP C 181 -9.40 11.55 -37.10
CA TRP C 181 -8.18 12.28 -37.46
C TRP C 181 -7.03 11.36 -37.10
N LEU C 182 -6.04 11.26 -37.98
CA LEU C 182 -4.85 10.44 -37.71
C LEU C 182 -3.80 11.34 -37.10
N VAL C 183 -3.44 11.06 -35.84
CA VAL C 183 -2.64 11.99 -35.05
C VAL C 183 -1.31 11.35 -34.64
N LYS C 184 -0.21 12.03 -34.98
CA LYS C 184 1.14 11.63 -34.53
C LYS C 184 1.40 12.28 -33.17
N ASN C 185 1.68 11.44 -32.17
CA ASN C 185 2.02 11.90 -30.83
C ASN C 185 3.54 11.88 -30.68
N SER C 186 4.03 12.40 -29.55
CA SER C 186 5.45 12.39 -29.22
C SER C 186 5.71 11.64 -27.91
N TRP C 187 5.04 10.51 -27.73
CA TRP C 187 5.23 9.65 -26.55
C TRP C 187 5.90 8.31 -26.93
N GLY C 188 6.64 8.30 -28.04
CA GLY C 188 7.27 7.10 -28.56
C GLY C 188 6.33 6.13 -29.21
N HIS C 189 6.92 5.10 -29.81
CA HIS C 189 6.15 4.11 -30.57
C HIS C 189 5.28 3.16 -29.74
N ASN C 190 5.49 3.06 -28.43
CA ASN C 190 4.64 2.19 -27.60
C ASN C 190 3.37 2.85 -27.11
N PHE C 191 3.14 4.12 -27.43
CA PHE C 191 1.84 4.76 -27.21
C PHE C 191 0.95 4.45 -28.38
N GLY C 192 -0.29 4.07 -28.09
CA GLY C 192 -1.31 3.90 -29.13
C GLY C 192 -0.92 2.91 -30.23
N GLU C 193 -1.23 3.27 -31.47
CA GLU C 193 -0.96 2.44 -32.63
C GLU C 193 0.39 2.84 -33.22
N GLU C 194 1.43 2.22 -32.71
CA GLU C 194 2.79 2.56 -33.09
C GLU C 194 3.08 4.05 -33.02
N GLY C 195 2.56 4.72 -31.99
CA GLY C 195 2.86 6.12 -31.73
C GLY C 195 1.75 7.08 -32.15
N TYR C 196 0.72 6.53 -32.80
CA TYR C 196 -0.36 7.29 -33.36
C TYR C 196 -1.64 7.03 -32.58
N ILE C 197 -2.54 8.02 -32.64
CA ILE C 197 -3.89 7.89 -32.11
C ILE C 197 -4.86 8.40 -33.17
N ARG C 198 -5.92 7.63 -33.39
CA ARG C 198 -6.99 8.05 -34.26
C ARG C 198 -8.06 8.64 -33.35
N MET C 199 -8.37 9.93 -33.56
CA MET C 199 -9.26 10.69 -32.70
C MET C 199 -10.53 11.07 -33.43
N ALA C 200 -11.66 11.01 -32.74
CA ALA C 200 -12.97 11.25 -33.35
C ALA C 200 -12.98 12.56 -34.16
N ARG C 201 -13.49 12.46 -35.38
CA ARG C 201 -13.57 13.58 -36.31
C ARG C 201 -15.04 13.87 -36.61
N ASN C 202 -15.33 15.16 -36.82
CA ASN C 202 -16.69 15.67 -37.04
C ASN C 202 -17.65 15.31 -35.90
N LYS C 203 -17.14 15.34 -34.67
CA LYS C 203 -17.95 15.16 -33.48
C LYS C 203 -17.82 16.40 -32.59
N GLY C 204 -18.14 17.55 -33.18
CA GLY C 204 -18.19 18.83 -32.46
C GLY C 204 -16.85 19.30 -31.91
N ASN C 205 -15.79 19.20 -32.72
CA ASN C 205 -14.44 19.64 -32.32
C ASN C 205 -13.98 18.90 -31.08
N HIS C 206 -14.03 17.58 -31.17
CA HIS C 206 -13.78 16.71 -30.05
C HIS C 206 -12.33 16.82 -29.53
N CYS C 207 -12.21 17.05 -28.22
CA CYS C 207 -10.93 17.34 -27.54
C CYS C 207 -10.19 18.56 -28.08
N GLY C 208 -10.93 19.47 -28.73
CA GLY C 208 -10.37 20.71 -29.24
C GLY C 208 -9.40 20.54 -30.39
N ILE C 209 -9.50 19.44 -31.12
CA ILE C 209 -8.54 19.15 -32.18
C ILE C 209 -8.45 20.24 -33.25
N ALA C 210 -9.58 20.88 -33.57
CA ALA C 210 -9.61 21.99 -34.51
C ALA C 210 -9.63 23.39 -33.83
N SER C 211 -9.35 23.47 -32.53
CA SER C 211 -9.37 24.75 -31.82
C SER C 211 -8.24 25.67 -32.29
N PHE C 212 -7.01 25.12 -32.32
CA PHE C 212 -5.83 25.92 -32.70
C PHE C 212 -4.87 25.26 -33.69
N PRO C 213 -5.34 25.04 -34.93
CA PRO C 213 -4.49 24.43 -35.96
C PRO C 213 -3.59 25.46 -36.66
N SER C 214 -2.38 25.05 -36.98
CA SER C 214 -1.48 25.84 -37.78
C SER C 214 -0.52 24.99 -38.60
N TYR C 215 -0.04 25.52 -39.71
CA TYR C 215 0.95 24.82 -40.53
C TYR C 215 1.95 25.81 -41.15
N PRO C 216 3.22 25.41 -41.27
CA PRO C 216 4.23 26.25 -41.87
C PRO C 216 4.31 26.05 -43.38
N GLU C 217 4.97 26.98 -44.06
CA GLU C 217 5.36 26.78 -45.45
C GLU C 217 6.81 27.22 -45.63
N ILE C 218 7.44 26.64 -46.64
CA ILE C 218 8.81 26.94 -47.03
C ILE C 218 8.81 27.60 -48.41
N LEU C 219 9.58 28.67 -48.54
CA LEU C 219 9.80 29.32 -49.83
C LEU C 219 10.78 28.49 -50.63
C11 BJY D . -7.66 -28.94 35.81
C14 BJY D . -6.66 -32.32 35.34
C15 BJY D . -6.97 -32.91 33.96
C10 BJY D . -10.11 -28.95 36.81
C9 BJY D . -8.85 -29.54 36.29
C1 BJY D . -13.25 -29.25 38.27
C8 BJY D . -8.65 -30.88 36.17
C7 BJY D . -9.66 -31.93 36.58
C6 BJY D . -10.99 -31.25 36.97
C16 BJY D . -6.81 -31.91 32.83
C18 BJY D . -5.95 -31.81 30.46
C19 BJY D . -6.96 -31.26 29.44
C20 BJY D . -7.77 -32.37 28.74
C21 BJY D . -7.62 -33.66 29.50
C22 BJY D . -7.79 -33.34 31.00
C23 BJY D . -7.53 -32.49 27.25
C24 BJY D . -8.44 -32.27 26.26
C25 BJY D . -6.55 -32.80 25.19
C26 BJY D . -5.56 -33.08 24.27
C27 BJY D . -4.31 -33.39 24.73
C30 BJY D . -5.02 -33.15 27.01
C31 BJY D . -6.29 -32.82 26.59
C32 BJY D . -7.32 -27.51 35.68
C33 BJY D . -6.00 -27.07 35.78
C34 BJY D . -5.70 -25.73 35.65
C35 BJY D . -6.69 -24.79 35.40
C36 BJY D . -8.00 -25.23 35.30
C37 BJY D . -8.31 -26.57 35.43
C38 BJY D . -6.34 -23.35 35.25
F39 BJY D . -5.38 -22.95 36.06
F40 BJY D . -5.87 -23.09 34.12
F41 BJY D . -7.39 -22.53 35.43
N12 BJY D . -6.78 -29.87 35.42
N13 BJY D . -7.41 -31.06 35.66
N17 BJY D . -6.61 -32.60 31.53
N28 BJY D . -4.09 -33.42 26.08
N43 BJY D . -7.87 -32.46 25.03
N5 BJY D . -10.69 -29.95 37.67
O29 BJY D . -2.82 -33.74 26.51
O3 BJY D . -11.68 -30.68 39.79
O4 BJY D . -11.14 -28.32 39.45
O42 BJY D . -8.33 -33.34 33.96
S2 BJY D . -11.64 -29.54 38.92
S SO4 E . -9.31 -17.03 33.25
O1 SO4 E . -9.31 -17.79 34.50
O2 SO4 E . -8.24 -17.51 32.37
O3 SO4 E . -10.56 -17.18 32.53
O4 SO4 E . -8.98 -15.64 33.53
C11 BJY F . 3.99 10.93 1.46
C14 BJY F . 4.92 11.23 4.86
C15 BJY F . 4.27 12.43 5.56
C10 BJY F . 5.88 12.12 0.04
C9 BJY F . 5.20 11.65 1.26
C1 BJY F . 8.89 13.52 -1.37
C8 BJY F . 5.70 11.85 2.49
C7 BJY F . 6.98 12.57 2.81
C6 BJY F . 7.56 13.16 1.52
C16 BJY F . 2.82 12.12 5.87
C18 BJY F . 2.55 14.08 7.48
C19 BJY F . 1.53 15.15 7.93
C20 BJY F . 0.08 14.78 7.51
C21 BJY F . 0.00 14.61 5.96
C22 BJY F . 1.32 14.09 5.41
C23 BJY F . -0.97 15.76 8.00
C24 BJY F . -1.98 15.51 8.87
C25 BJY F . -2.20 17.66 8.30
C26 BJY F . -2.60 18.98 8.16
C27 BJY F . -1.87 19.78 7.32
C30 BJY F . -0.38 17.98 6.78
C31 BJY F . -1.09 17.14 7.62
C32 BJY F . 3.03 10.43 0.46
C33 BJY F . 2.29 9.26 0.69
C34 BJY F . 1.40 8.80 -0.25
C35 BJY F . 1.20 9.47 -1.45
C36 BJY F . 1.94 10.64 -1.69
C37 BJY F . 2.84 11.10 -0.75
C38 BJY F . 0.23 8.96 -2.46
F39 BJY F . 0.36 7.65 -2.65
F40 BJY F . -0.99 9.18 -2.10
F41 BJY F . 0.29 9.54 -3.61
N12 BJY F . 3.76 10.70 2.76
N13 BJY F . 4.84 11.29 3.38
N17 BJY F . 2.01 13.25 6.40
N28 BJY F . -0.79 19.26 6.66
N43 BJY F . -2.73 16.65 9.06
N5 BJY F . 7.30 12.24 0.37
O29 BJY F . -0.10 20.10 5.83
O3 BJY F . 9.63 11.57 0.13
O4 BJY F . 8.04 11.12 -1.68
O42 BJY F . 4.35 13.59 4.70
S2 BJY F . 8.53 11.99 -0.66
S SO4 G . -3.00 11.37 -8.83
O1 SO4 G . -4.02 10.70 -8.03
O2 SO4 G . -1.73 10.60 -8.81
O3 SO4 G . -2.79 12.65 -8.16
O4 SO4 G . -3.44 11.66 -10.18
C11 BJY H . -3.36 28.02 -27.37
C14 BJY H . -3.84 31.24 -28.73
C15 BJY H . -2.98 32.32 -28.05
C10 BJY H . -5.13 27.76 -25.40
C9 BJY H . -4.41 28.44 -26.51
C1 BJY H . -7.97 27.83 -23.17
C8 BJY H . -4.73 29.69 -26.92
C7 BJY H . -5.81 30.56 -26.32
C6 BJY H . -6.42 29.84 -25.10
C16 BJY H . -1.55 32.33 -28.56
C18 BJY H . -0.67 34.70 -28.57
C19 BJY H . 0.56 35.50 -28.13
C20 BJY H . 1.78 34.73 -28.58
C21 BJY H . 1.69 33.25 -28.13
C22 BJY H . 0.49 33.01 -27.23
C23 BJY H . 3.11 35.38 -28.24
C24 BJY H . 4.10 35.73 -29.12
C25 BJY H . 4.87 36.33 -27.12
C26 BJY H . 5.62 36.81 -26.05
C27 BJY H . 5.07 36.70 -24.80
C30 BJY H . 3.09 35.69 -25.65
C31 BJY H . 3.60 35.76 -26.93
C32 BJY H . -2.60 26.77 -27.39
C33 BJY H . -2.13 26.24 -28.59
C34 BJY H . -1.39 25.08 -28.60
C35 BJY H . -1.11 24.40 -27.43
C36 BJY H . -1.59 24.91 -26.22
C37 BJY H . -2.32 26.09 -26.21
C38 BJY H . -0.33 23.14 -27.45
F39 BJY H . -0.67 22.39 -28.49
F40 BJY H . 0.98 23.36 -27.58
F41 BJY H . -0.43 22.44 -26.36
N12 BJY H . -3.05 28.98 -28.24
N13 BJY H . -3.91 30.00 -27.95
N17 BJY H . -0.78 33.40 -27.88
N28 BJY H . 3.85 36.16 -24.64
N43 BJY H . 5.15 36.30 -28.46
N5 BJY H . -6.46 28.38 -25.34
O29 BJY H . 3.36 36.09 -23.36
O3 BJY H . -8.90 28.23 -25.54
O4 BJY H . -7.58 26.20 -25.12
O42 BJY H . -2.90 32.12 -26.62
S2 BJY H . -7.81 27.59 -24.87
S SO4 I . 3.07 18.51 -22.75
O1 SO4 I . 3.10 19.33 -21.54
O2 SO4 I . 3.66 17.21 -22.49
O3 SO4 I . 1.71 18.30 -23.27
O4 SO4 I . 3.90 19.24 -23.73
#